data_5KMH
#
_entry.id   5KMH
#
_cell.length_a   125.535
_cell.length_b   125.525
_cell.length_c   191.960
_cell.angle_alpha   90.00
_cell.angle_beta   90.00
_cell.angle_gamma   90.00
#
_symmetry.space_group_name_H-M   'P 21 2 21'
#
loop_
_entity.id
_entity.type
_entity.pdbx_description
1 polymer 'Ion transport protein'
2 non-polymer 'CALCIUM ION'
3 non-polymer 1,2-DIMYRISTOYL-RAC-GLYCERO-3-PHOSPHOCHOLINE
4 non-polymer 1,2-DIPALMITOYL-SN-GLYCERO-3-PHOSPHATE
5 non-polymer (2~{R})-2-(2-bromophenyl)-5-[2-(3,4-dimethoxyphenyl)ethyl-methyl-amino]-2-propan-2-yl-pentanenitrile
#
_entity_poly.entity_id   1
_entity_poly.type   'polypeptide(L)'
_entity_poly.pdbx_seq_one_letter_code
;MDYKDDDDKGSLVPRGSHMYLRITNIVESSFFTKFIIYLIVLNGITMGLETSKTFMQSFGVYTTLFNQIVITIFTIEIIL
RIYVHRISFFKDPWSLFDFFVVAISLVPTSSGFEILRVLRVLRLFRLVTAVPQMRKIVSALISVIPGMLSVIALMTLFFY
IFAIMATQLFGERFPEWFGTLGESFYTLFQVMTLDDWSNGIVRPLMEVYPYAWVFFIPFIFVVTFVMINLVVAIIVDAMA
ILNQKEEQHIIDEVQSHEDNINNEIIKLREEIVELKELIKTSLKN
;
_entity_poly.pdbx_strand_id   A,B,C,D
#
loop_
_chem_comp.id
_chem_comp.type
_chem_comp.name
_chem_comp.formula
6U8 non-polymer (2~{R})-2-(2-bromophenyl)-5-[2-(3,4-dimethoxyphenyl)ethyl-methyl-amino]-2-propan-2-yl-pentanenitrile 'C25 H33 Br N2 O2'
CA non-polymer 'CALCIUM ION' 'Ca 2'
MC3 non-polymer 1,2-DIMYRISTOYL-RAC-GLYCERO-3-PHOSPHOCHOLINE 'C36 H72 N O8 P'
PX6 non-polymer 1,2-DIPALMITOYL-SN-GLYCERO-3-PHOSPHATE 'C35 H68 O8 P -1'
#
# COMPACT_ATOMS: atom_id res chain seq x y z
N MET A 19 -33.18 48.00 -10.67
CA MET A 19 -31.82 48.12 -10.10
C MET A 19 -31.12 46.76 -10.17
N TYR A 20 -31.93 45.71 -10.28
CA TYR A 20 -31.46 44.35 -10.59
C TYR A 20 -30.54 44.32 -11.81
N LEU A 21 -31.03 44.88 -12.91
CA LEU A 21 -30.41 44.73 -14.23
C LEU A 21 -28.94 45.23 -14.28
N ARG A 22 -28.65 46.22 -13.45
CA ARG A 22 -27.33 46.89 -13.37
C ARG A 22 -26.18 45.98 -12.91
N ILE A 23 -26.40 45.33 -11.78
CA ILE A 23 -25.47 44.39 -11.22
C ILE A 23 -25.46 43.02 -11.90
N THR A 24 -26.61 42.48 -12.30
CA THR A 24 -26.68 41.17 -12.97
C THR A 24 -25.69 41.11 -14.13
N ASN A 25 -25.47 42.25 -14.77
CA ASN A 25 -24.54 42.28 -15.87
C ASN A 25 -23.11 42.27 -15.36
N ILE A 26 -22.89 42.78 -14.14
CA ILE A 26 -21.56 42.82 -13.52
C ILE A 26 -21.05 41.42 -13.12
N VAL A 27 -21.91 40.68 -12.42
CA VAL A 27 -21.64 39.32 -11.97
C VAL A 27 -21.29 38.27 -13.01
N GLU A 28 -22.02 38.25 -14.11
CA GLU A 28 -21.81 37.24 -15.13
C GLU A 28 -20.65 37.55 -16.05
N SER A 29 -20.00 38.68 -15.83
CA SER A 29 -18.96 39.14 -16.74
C SER A 29 -17.69 38.30 -16.61
N SER A 30 -16.93 38.21 -17.71
CA SER A 30 -15.60 37.62 -17.66
C SER A 30 -14.75 38.32 -16.61
N PHE A 31 -15.05 39.58 -16.35
CA PHE A 31 -14.23 40.37 -15.44
C PHE A 31 -14.51 40.10 -13.97
N PHE A 32 -15.77 39.85 -13.63
CA PHE A 32 -16.11 39.57 -12.24
C PHE A 32 -15.44 38.30 -11.72
N THR A 33 -15.63 37.22 -12.47
CA THR A 33 -15.08 35.93 -12.09
C THR A 33 -13.56 35.98 -12.08
N LYS A 34 -12.97 36.46 -13.18
CA LYS A 34 -11.52 36.54 -13.31
C LYS A 34 -10.93 37.46 -12.24
N PHE A 35 -11.70 38.47 -11.83
CA PHE A 35 -11.29 39.37 -10.76
C PHE A 35 -11.19 38.61 -9.45
N ILE A 36 -12.16 37.74 -9.22
CA ILE A 36 -12.18 37.00 -7.97
C ILE A 36 -11.10 35.94 -7.97
N ILE A 37 -10.98 35.22 -9.08
CA ILE A 37 -9.93 34.22 -9.22
C ILE A 37 -8.51 34.74 -9.10
N TYR A 38 -8.24 35.91 -9.68
CA TYR A 38 -6.90 36.51 -9.58
C TYR A 38 -6.59 36.89 -8.12
N LEU A 39 -7.64 37.26 -7.39
CA LEU A 39 -7.51 37.61 -5.99
C LEU A 39 -7.15 36.36 -5.15
N ILE A 40 -7.89 35.26 -5.34
CA ILE A 40 -7.63 34.00 -4.64
C ILE A 40 -6.17 33.56 -4.84
N VAL A 41 -5.73 33.46 -6.09
CA VAL A 41 -4.37 33.04 -6.39
C VAL A 41 -3.41 34.02 -5.76
N LEU A 42 -3.85 35.26 -5.61
CA LEU A 42 -2.99 36.21 -4.97
C LEU A 42 -2.92 35.97 -3.50
N ASN A 43 -4.09 35.85 -2.88
CA ASN A 43 -4.13 35.60 -1.44
C ASN A 43 -3.46 34.29 -1.07
N GLY A 44 -3.44 33.35 -2.01
CA GLY A 44 -2.83 32.07 -1.75
C GLY A 44 -1.33 32.24 -1.75
N ILE A 45 -0.81 33.07 -2.64
CA ILE A 45 0.61 33.43 -2.62
C ILE A 45 0.95 34.22 -1.34
N THR A 46 0.05 35.12 -0.96
CA THR A 46 0.22 35.89 0.26
C THR A 46 0.32 34.91 1.40
N MET A 47 -0.63 33.98 1.41
CA MET A 47 -0.77 33.02 2.50
C MET A 47 0.47 32.10 2.68
N GLY A 48 1.14 31.80 1.58
CA GLY A 48 2.39 31.06 1.64
C GLY A 48 3.34 31.82 2.52
N LEU A 49 3.61 33.07 2.12
CA LEU A 49 4.53 33.99 2.82
C LEU A 49 4.19 34.25 4.29
N GLU A 50 2.92 34.06 4.64
CA GLU A 50 2.43 34.20 6.01
C GLU A 50 2.95 33.11 7.01
N THR A 51 3.61 32.07 6.50
CA THR A 51 4.09 31.03 7.41
C THR A 51 5.48 31.41 7.90
N SER A 52 6.26 32.15 7.11
CA SER A 52 7.52 32.68 7.64
C SER A 52 7.27 33.79 8.66
N LYS A 53 7.68 33.57 9.90
CA LYS A 53 7.50 34.59 10.94
C LYS A 53 8.43 35.78 10.64
N THR A 54 9.56 35.49 10.00
CA THR A 54 10.54 36.51 9.64
C THR A 54 9.93 37.46 8.63
N PHE A 55 9.21 36.91 7.65
CA PHE A 55 8.50 37.71 6.66
C PHE A 55 7.52 38.64 7.38
N MET A 56 6.79 38.03 8.33
CA MET A 56 5.76 38.66 9.16
C MET A 56 6.31 39.78 10.06
N GLN A 57 7.62 39.91 10.11
CA GLN A 57 8.25 41.04 10.75
C GLN A 57 8.37 42.17 9.74
N SER A 58 9.32 41.99 8.82
CA SER A 58 9.59 42.93 7.74
C SER A 58 8.39 43.43 6.92
N PHE A 59 7.28 42.68 6.89
CA PHE A 59 6.14 43.02 6.01
C PHE A 59 4.79 42.56 6.58
N GLY A 60 4.79 42.16 7.84
CA GLY A 60 3.61 41.61 8.51
C GLY A 60 2.37 42.47 8.49
N VAL A 61 2.55 43.78 8.49
CA VAL A 61 1.44 44.71 8.57
C VAL A 61 0.58 44.67 7.31
N TYR A 62 1.22 44.59 6.13
CA TYR A 62 0.50 44.49 4.85
C TYR A 62 -0.54 43.37 4.82
N THR A 63 -0.25 42.25 5.48
CA THR A 63 -1.01 41.03 5.29
C THR A 63 -2.28 40.90 6.13
N THR A 64 -2.36 41.58 7.26
CA THR A 64 -3.58 41.47 8.01
C THR A 64 -4.62 42.34 7.28
N LEU A 65 -4.12 43.45 6.75
CA LEU A 65 -4.89 44.35 5.92
C LEU A 65 -5.46 43.68 4.67
N PHE A 66 -4.58 43.04 3.90
CA PHE A 66 -4.93 42.39 2.63
C PHE A 66 -6.00 41.35 2.92
N ASN A 67 -5.79 40.65 4.03
CA ASN A 67 -6.73 39.64 4.51
C ASN A 67 -8.10 40.28 4.79
N GLN A 68 -8.11 41.50 5.34
CA GLN A 68 -9.38 42.15 5.67
C GLN A 68 -10.10 42.66 4.43
N ILE A 69 -9.31 43.17 3.50
CA ILE A 69 -9.84 43.61 2.23
C ILE A 69 -10.50 42.50 1.43
N VAL A 70 -9.74 41.46 1.05
CA VAL A 70 -10.31 40.33 0.33
C VAL A 70 -11.59 39.79 0.96
N ILE A 71 -11.58 39.70 2.29
CA ILE A 71 -12.73 39.13 2.99
C ILE A 71 -13.97 40.01 2.81
N THR A 72 -13.75 41.31 2.65
CA THR A 72 -14.84 42.24 2.51
C THR A 72 -15.42 42.07 1.10
N ILE A 73 -14.56 42.23 0.09
CA ILE A 73 -14.88 41.99 -1.33
C ILE A 73 -15.68 40.70 -1.61
N PHE A 74 -15.21 39.60 -1.04
CA PHE A 74 -15.90 38.33 -1.19
C PHE A 74 -17.31 38.36 -0.60
N THR A 75 -17.48 39.07 0.50
CA THR A 75 -18.77 39.08 1.19
C THR A 75 -19.79 39.85 0.39
N ILE A 76 -19.35 41.00 -0.14
CA ILE A 76 -20.13 41.80 -1.04
C ILE A 76 -20.49 40.90 -2.21
N GLU A 77 -19.46 40.29 -2.78
CA GLU A 77 -19.61 39.46 -3.96
C GLU A 77 -20.61 38.32 -3.80
N ILE A 78 -20.73 37.77 -2.60
CA ILE A 78 -21.69 36.68 -2.42
C ILE A 78 -23.13 37.22 -2.44
N ILE A 79 -23.31 38.42 -1.86
CA ILE A 79 -24.62 39.06 -1.75
C ILE A 79 -25.21 39.36 -3.13
N LEU A 80 -24.46 40.05 -3.98
CA LEU A 80 -24.89 40.29 -5.37
C LEU A 80 -25.35 39.01 -6.07
N ARG A 81 -24.56 37.94 -5.94
CA ARG A 81 -24.87 36.68 -6.58
C ARG A 81 -26.20 36.08 -6.08
N ILE A 82 -26.50 36.31 -4.81
CA ILE A 82 -27.77 35.86 -4.20
C ILE A 82 -28.88 36.75 -4.73
N TYR A 83 -28.59 38.03 -4.85
CA TYR A 83 -29.52 38.96 -5.46
C TYR A 83 -29.83 38.46 -6.87
N VAL A 84 -28.78 38.18 -7.65
CA VAL A 84 -28.97 37.66 -9.00
C VAL A 84 -29.63 36.27 -9.00
N HIS A 85 -29.10 35.34 -8.20
CA HIS A 85 -29.55 33.95 -8.33
C HIS A 85 -30.70 33.59 -7.40
N ARG A 86 -30.96 34.44 -6.41
CA ARG A 86 -32.01 34.22 -5.41
C ARG A 86 -31.95 32.80 -4.87
N ILE A 87 -33.08 32.11 -4.86
CA ILE A 87 -33.18 30.79 -4.26
C ILE A 87 -32.36 29.77 -5.07
N SER A 88 -32.09 30.05 -6.34
CA SER A 88 -31.30 29.11 -7.15
C SER A 88 -29.83 29.04 -6.71
N PHE A 89 -29.44 29.96 -5.82
CA PHE A 89 -28.10 30.02 -5.23
C PHE A 89 -27.90 29.01 -4.12
N PHE A 90 -28.95 28.76 -3.35
CA PHE A 90 -28.87 27.92 -2.17
C PHE A 90 -29.27 26.50 -2.52
N LYS A 91 -29.20 26.15 -3.80
CA LYS A 91 -29.28 24.75 -4.20
C LYS A 91 -28.17 24.43 -5.18
N ASP A 92 -27.19 25.33 -5.28
CA ASP A 92 -25.98 25.01 -6.02
C ASP A 92 -24.91 24.71 -4.96
N PRO A 93 -24.43 23.45 -4.89
CA PRO A 93 -23.50 23.11 -3.82
C PRO A 93 -22.18 23.88 -3.85
N TRP A 94 -21.68 24.11 -5.06
CA TRP A 94 -20.44 24.85 -5.30
C TRP A 94 -20.53 26.27 -4.74
N SER A 95 -21.72 26.84 -4.83
CA SER A 95 -21.99 28.19 -4.38
C SER A 95 -22.22 28.22 -2.88
N LEU A 96 -22.95 27.22 -2.40
CA LEU A 96 -23.20 27.01 -0.98
C LEU A 96 -21.87 26.91 -0.25
N PHE A 97 -20.94 26.16 -0.82
CA PHE A 97 -19.62 26.02 -0.23
C PHE A 97 -18.86 27.34 -0.10
N ASP A 98 -18.92 28.16 -1.15
CA ASP A 98 -18.27 29.48 -1.18
C ASP A 98 -18.88 30.37 -0.11
N PHE A 99 -20.16 30.18 0.13
CA PHE A 99 -20.85 30.96 1.13
C PHE A 99 -20.33 30.49 2.47
N PHE A 100 -20.42 29.19 2.69
CA PHE A 100 -19.99 28.60 3.95
C PHE A 100 -18.51 28.80 4.15
N VAL A 101 -17.76 28.89 3.06
CA VAL A 101 -16.33 29.08 3.21
C VAL A 101 -16.04 30.55 3.45
N VAL A 102 -16.93 31.41 3.01
CA VAL A 102 -16.73 32.82 3.24
C VAL A 102 -17.28 33.28 4.59
N ALA A 103 -18.45 32.74 4.93
CA ALA A 103 -19.07 33.09 6.20
C ALA A 103 -18.13 32.70 7.34
N ILE A 104 -17.63 31.45 7.30
CA ILE A 104 -16.66 30.92 8.27
C ILE A 104 -15.53 31.91 8.54
N SER A 105 -15.01 32.49 7.46
CA SER A 105 -13.84 33.36 7.52
C SER A 105 -14.09 34.70 8.20
N LEU A 106 -15.26 34.89 8.79
CA LEU A 106 -15.63 36.20 9.32
C LEU A 106 -15.76 36.34 10.84
N VAL A 107 -15.91 35.25 11.59
CA VAL A 107 -15.99 35.38 13.05
C VAL A 107 -14.66 35.85 13.67
N PRO A 108 -14.73 36.73 14.68
CA PRO A 108 -13.48 37.26 15.24
C PRO A 108 -12.70 36.16 15.92
N THR A 109 -11.37 36.17 15.78
CA THR A 109 -10.55 35.16 16.42
C THR A 109 -10.13 35.58 17.83
N SER A 110 -11.09 35.55 18.77
CA SER A 110 -10.76 35.75 20.18
C SER A 110 -11.38 34.68 21.06
N SER A 111 -12.63 34.91 21.44
CA SER A 111 -13.41 33.98 22.26
C SER A 111 -13.70 32.64 21.56
N GLY A 112 -14.01 32.70 20.27
CA GLY A 112 -14.29 31.52 19.48
C GLY A 112 -13.03 30.69 19.31
N PHE A 113 -13.19 29.38 19.12
CA PHE A 113 -12.02 28.50 19.06
C PHE A 113 -10.95 29.13 18.15
N GLU A 114 -9.66 29.05 18.50
CA GLU A 114 -8.67 29.72 17.68
C GLU A 114 -8.26 28.90 16.45
N ILE A 115 -9.00 27.82 16.21
CA ILE A 115 -8.79 26.99 15.01
C ILE A 115 -9.28 27.74 13.75
N LEU A 116 -10.35 28.51 13.91
CA LEU A 116 -10.86 29.32 12.82
C LEU A 116 -9.82 30.28 12.24
N ARG A 117 -8.79 30.65 13.01
CA ARG A 117 -7.76 31.51 12.44
C ARG A 117 -7.05 30.67 11.39
N VAL A 118 -7.03 29.37 11.64
CA VAL A 118 -6.37 28.42 10.76
C VAL A 118 -7.27 27.92 9.63
N LEU A 119 -8.57 27.82 9.92
CA LEU A 119 -9.58 27.38 8.93
C LEU A 119 -9.73 28.26 7.69
N ARG A 120 -9.39 29.52 7.85
CA ARG A 120 -9.57 30.48 6.80
C ARG A 120 -8.65 30.22 5.62
N VAL A 121 -7.74 29.24 5.73
CA VAL A 121 -6.98 28.88 4.55
C VAL A 121 -7.88 28.02 3.63
N LEU A 122 -8.95 27.42 4.16
CA LEU A 122 -9.92 26.68 3.32
C LEU A 122 -10.49 27.54 2.16
N ARG A 123 -10.47 28.85 2.38
CA ARG A 123 -10.88 29.77 1.39
C ARG A 123 -10.13 29.54 0.08
N LEU A 124 -8.96 28.91 0.09
CA LEU A 124 -8.27 28.63 -1.17
C LEU A 124 -9.00 27.56 -1.94
N PHE A 125 -9.95 26.88 -1.31
CA PHE A 125 -10.71 25.87 -2.02
C PHE A 125 -11.76 26.51 -2.96
N ARG A 126 -11.85 27.84 -2.89
CA ARG A 126 -12.70 28.63 -3.77
C ARG A 126 -12.12 28.54 -5.19
N LEU A 127 -10.81 28.24 -5.26
CA LEU A 127 -10.17 27.98 -6.55
C LEU A 127 -10.88 26.87 -7.30
N VAL A 128 -11.23 25.82 -6.58
CA VAL A 128 -12.02 24.73 -7.15
C VAL A 128 -13.40 25.14 -7.67
N THR A 129 -14.14 25.91 -6.87
CA THR A 129 -15.54 26.19 -7.20
C THR A 129 -15.67 27.10 -8.38
N ALA A 130 -14.67 27.95 -8.61
CA ALA A 130 -14.85 29.03 -9.58
C ALA A 130 -14.04 28.75 -10.82
N VAL A 131 -13.15 27.78 -10.71
CA VAL A 131 -12.31 27.40 -11.82
C VAL A 131 -12.71 26.04 -12.35
N PRO A 132 -13.15 25.98 -13.59
CA PRO A 132 -13.77 24.80 -14.15
C PRO A 132 -12.71 23.75 -14.32
N GLN A 133 -13.13 22.54 -14.67
CA GLN A 133 -12.26 21.39 -14.70
C GLN A 133 -12.11 20.97 -13.27
N MET A 134 -11.73 21.90 -12.41
CA MET A 134 -11.52 21.55 -11.03
C MET A 134 -12.80 21.07 -10.38
N ARG A 135 -13.92 21.73 -10.67
CA ARG A 135 -15.20 21.37 -10.04
C ARG A 135 -15.69 19.98 -10.43
N LYS A 136 -15.52 19.62 -11.68
CA LYS A 136 -16.00 18.32 -12.16
C LYS A 136 -15.31 17.16 -11.48
N ILE A 137 -14.01 17.30 -11.31
CA ILE A 137 -13.20 16.24 -10.75
C ILE A 137 -13.69 15.96 -9.34
N VAL A 138 -13.94 17.04 -8.59
CA VAL A 138 -14.51 16.90 -7.25
C VAL A 138 -15.91 16.24 -7.31
N SER A 139 -16.62 16.59 -8.37
CA SER A 139 -17.98 16.14 -8.65
C SER A 139 -17.95 14.66 -9.03
N ALA A 140 -17.02 14.31 -9.92
CA ALA A 140 -16.88 12.91 -10.26
C ALA A 140 -16.61 12.14 -9.01
N LEU A 141 -15.68 12.65 -8.20
CA LEU A 141 -15.30 11.98 -6.95
C LEU A 141 -16.43 11.87 -5.92
N ILE A 142 -17.13 12.98 -5.66
CA ILE A 142 -18.23 12.94 -4.69
C ILE A 142 -19.29 11.93 -5.12
N SER A 143 -19.36 11.71 -6.42
CA SER A 143 -20.46 10.96 -6.99
C SER A 143 -20.32 9.45 -6.76
N VAL A 144 -19.14 8.98 -6.37
CA VAL A 144 -18.97 7.57 -6.04
C VAL A 144 -19.40 7.31 -4.60
N ILE A 145 -19.54 8.38 -3.82
CA ILE A 145 -19.79 8.27 -2.38
C ILE A 145 -21.17 7.74 -1.95
N PRO A 146 -22.26 8.22 -2.57
CA PRO A 146 -23.56 7.74 -2.13
C PRO A 146 -23.75 6.24 -2.31
N GLY A 147 -23.27 5.68 -3.41
CA GLY A 147 -23.34 4.23 -3.58
C GLY A 147 -22.62 3.43 -2.52
N MET A 148 -21.57 4.03 -1.97
CA MET A 148 -20.68 3.35 -1.02
C MET A 148 -21.17 3.47 0.41
N LEU A 149 -22.03 4.46 0.69
CA LEU A 149 -22.43 4.81 2.08
C LEU A 149 -22.78 3.62 2.91
N SER A 150 -23.33 2.59 2.27
CA SER A 150 -23.66 1.36 2.97
C SER A 150 -22.39 0.68 3.50
N VAL A 151 -21.37 0.53 2.67
CA VAL A 151 -20.15 -0.15 3.12
C VAL A 151 -19.52 0.71 4.23
N ILE A 152 -19.58 2.02 4.04
CA ILE A 152 -19.16 2.97 5.06
C ILE A 152 -19.97 2.75 6.35
N ALA A 153 -21.24 2.37 6.23
CA ALA A 153 -22.00 2.12 7.42
C ALA A 153 -21.51 0.82 8.02
N LEU A 154 -21.29 -0.18 7.15
CA LEU A 154 -20.70 -1.45 7.57
C LEU A 154 -19.37 -1.35 8.28
N MET A 155 -18.48 -0.55 7.69
CA MET A 155 -17.12 -0.49 8.21
C MET A 155 -17.19 0.19 9.56
N THR A 156 -17.93 1.29 9.64
CA THR A 156 -18.15 1.96 10.92
C THR A 156 -18.82 1.08 12.01
N LEU A 157 -19.82 0.28 11.63
CA LEU A 157 -20.41 -0.60 12.62
C LEU A 157 -19.34 -1.61 13.01
N PHE A 158 -18.60 -2.07 11.99
CA PHE A 158 -17.55 -3.08 12.19
C PHE A 158 -16.45 -2.58 13.10
N PHE A 159 -16.00 -1.38 12.79
CA PHE A 159 -14.97 -0.79 13.58
C PHE A 159 -15.46 -0.70 15.03
N TYR A 160 -16.69 -0.22 15.20
CA TYR A 160 -17.32 -0.03 16.50
C TYR A 160 -17.39 -1.33 17.31
N ILE A 161 -17.77 -2.41 16.66
CA ILE A 161 -17.84 -3.67 17.39
C ILE A 161 -16.42 -4.00 17.85
N PHE A 162 -15.46 -3.78 16.96
CA PHE A 162 -14.07 -4.08 17.29
C PHE A 162 -13.43 -3.06 18.27
N ALA A 163 -13.82 -1.79 18.20
CA ALA A 163 -13.38 -0.77 19.19
C ALA A 163 -13.82 -1.17 20.60
N ILE A 164 -15.06 -1.67 20.70
CA ILE A 164 -15.54 -2.11 22.00
C ILE A 164 -14.70 -3.28 22.50
N MET A 165 -14.52 -4.31 21.66
CA MET A 165 -13.70 -5.49 22.02
C MET A 165 -12.27 -5.08 22.44
N ALA A 166 -11.68 -4.13 21.75
CA ALA A 166 -10.31 -3.85 22.07
C ALA A 166 -10.13 -3.13 23.37
N THR A 167 -11.02 -2.19 23.67
CA THR A 167 -10.93 -1.52 24.96
C THR A 167 -11.06 -2.50 26.11
N GLN A 168 -11.91 -3.48 25.93
CA GLN A 168 -12.14 -4.47 26.96
C GLN A 168 -11.03 -5.51 26.98
N LEU A 169 -10.47 -5.85 25.82
CA LEU A 169 -9.48 -6.92 25.79
C LEU A 169 -8.10 -6.39 26.19
N PHE A 170 -7.74 -5.17 25.81
CA PHE A 170 -6.35 -4.77 25.97
C PHE A 170 -6.16 -3.42 26.67
N GLY A 171 -7.27 -2.72 26.88
CA GLY A 171 -7.25 -1.38 27.42
C GLY A 171 -6.85 -1.23 28.85
N GLU A 172 -6.94 -2.34 29.57
CA GLU A 172 -6.52 -2.36 30.97
C GLU A 172 -5.01 -2.16 31.09
N ARG A 173 -4.24 -3.07 30.46
CA ARG A 173 -2.76 -3.05 30.52
C ARG A 173 -2.09 -2.17 29.47
N PHE A 174 -2.86 -1.65 28.52
CA PHE A 174 -2.29 -0.85 27.44
C PHE A 174 -3.14 0.36 27.17
N PRO A 175 -3.38 1.19 28.20
CA PRO A 175 -4.27 2.34 28.07
C PRO A 175 -3.94 3.28 26.91
N GLU A 176 -2.69 3.49 26.53
CA GLU A 176 -2.41 4.44 25.45
C GLU A 176 -3.06 4.01 24.12
N TRP A 177 -3.03 2.72 23.84
CA TRP A 177 -3.58 2.18 22.60
C TRP A 177 -5.09 1.79 22.64
N PHE A 178 -5.58 1.42 23.82
CA PHE A 178 -6.92 0.84 23.95
C PHE A 178 -7.69 1.29 25.22
N GLY A 179 -7.20 2.28 25.95
CA GLY A 179 -7.79 2.57 27.24
C GLY A 179 -9.18 3.13 27.21
N THR A 180 -9.48 3.82 26.11
CA THR A 180 -10.78 4.47 25.91
C THR A 180 -11.41 4.02 24.56
N LEU A 181 -12.72 4.06 24.44
CA LEU A 181 -13.31 3.63 23.15
C LEU A 181 -12.77 4.43 21.99
N GLY A 182 -12.65 5.74 22.16
CA GLY A 182 -12.10 6.56 21.07
C GLY A 182 -10.67 6.20 20.71
N GLU A 183 -9.90 5.87 21.72
CA GLU A 183 -8.51 5.53 21.50
C GLU A 183 -8.50 4.22 20.71
N SER A 184 -9.36 3.31 21.11
CA SER A 184 -9.40 2.04 20.46
C SER A 184 -9.71 2.14 18.98
N PHE A 185 -10.55 3.09 18.62
CA PHE A 185 -10.89 3.33 17.23
C PHE A 185 -9.62 3.64 16.44
N TYR A 186 -8.93 4.70 16.91
CA TYR A 186 -7.65 5.21 16.36
C TYR A 186 -6.55 4.22 16.14
N THR A 187 -6.26 3.52 17.21
CA THR A 187 -5.24 2.49 17.16
C THR A 187 -5.65 1.50 16.06
N LEU A 188 -6.89 1.07 16.19
CA LEU A 188 -7.52 0.13 15.27
C LEU A 188 -7.48 0.70 13.85
N PHE A 189 -7.72 2.01 13.73
CA PHE A 189 -7.56 2.68 12.43
C PHE A 189 -6.14 2.57 11.81
N GLN A 190 -5.12 2.82 12.64
CA GLN A 190 -3.68 2.68 12.27
C GLN A 190 -3.34 1.31 11.63
N VAL A 191 -3.83 0.27 12.28
CA VAL A 191 -3.58 -1.08 11.82
C VAL A 191 -4.17 -1.32 10.43
N MET A 192 -5.37 -0.81 10.19
CA MET A 192 -5.95 -0.91 8.86
C MET A 192 -5.04 -0.18 7.87
N THR A 193 -4.54 1.00 8.25
CA THR A 193 -3.62 1.73 7.36
C THR A 193 -2.27 1.03 7.36
N LEU A 194 -2.19 -0.09 8.07
CA LEU A 194 -0.99 -0.92 8.09
C LEU A 194 0.24 -0.15 8.55
N ASP A 195 0.07 0.70 9.56
CA ASP A 195 1.17 1.56 9.99
C ASP A 195 1.90 1.09 11.22
N ASP A 196 3.08 0.54 10.99
CA ASP A 196 3.93 0.02 12.04
C ASP A 196 3.08 -0.89 12.82
N TRP A 197 2.39 -1.80 12.21
CA TRP A 197 1.36 -2.37 13.07
C TRP A 197 1.88 -3.57 13.94
N SER A 198 2.78 -4.39 13.40
CA SER A 198 3.29 -5.58 14.09
C SER A 198 4.43 -5.34 15.06
N ASN A 199 5.53 -4.83 14.61
CA ASN A 199 6.52 -4.61 15.61
C ASN A 199 5.88 -3.55 16.50
N GLY A 200 5.22 -2.57 15.91
CA GLY A 200 4.64 -1.52 16.67
C GLY A 200 3.53 -1.79 17.68
N ILE A 201 2.51 -2.58 17.39
CA ILE A 201 1.34 -2.67 18.30
C ILE A 201 0.92 -4.03 18.83
N VAL A 202 1.10 -5.08 18.07
CA VAL A 202 0.58 -6.34 18.43
C VAL A 202 1.60 -7.18 19.13
N ARG A 203 2.87 -7.04 18.69
CA ARG A 203 4.01 -7.76 19.31
C ARG A 203 4.07 -7.22 20.72
N PRO A 204 4.02 -5.89 20.88
CA PRO A 204 3.80 -5.45 22.26
C PRO A 204 2.62 -6.17 22.87
N LEU A 205 1.46 -6.10 22.24
CA LEU A 205 0.28 -6.79 22.74
C LEU A 205 0.59 -8.28 23.09
N MET A 206 1.31 -9.02 22.24
CA MET A 206 1.58 -10.44 22.54
C MET A 206 2.49 -10.81 23.71
N GLU A 207 3.26 -9.86 24.22
CA GLU A 207 4.14 -10.12 25.36
C GLU A 207 3.27 -10.39 26.61
N VAL A 208 2.09 -9.78 26.63
CA VAL A 208 1.06 -10.05 27.63
C VAL A 208 -0.02 -11.00 27.11
N TYR A 209 -0.37 -10.83 25.84
CA TYR A 209 -1.49 -11.55 25.22
C TYR A 209 -0.99 -12.26 23.98
N PRO A 210 -0.42 -13.47 24.16
CA PRO A 210 0.19 -14.24 23.07
C PRO A 210 -0.75 -14.44 21.91
N TYR A 211 -2.05 -14.46 22.18
CA TYR A 211 -3.12 -14.68 21.22
C TYR A 211 -3.84 -13.44 20.58
N ALA A 212 -3.26 -12.26 20.70
CA ALA A 212 -3.91 -11.06 20.20
C ALA A 212 -3.92 -11.11 18.66
N TRP A 213 -3.11 -12.01 18.09
CA TRP A 213 -3.08 -12.14 16.64
C TRP A 213 -4.40 -12.73 16.11
N VAL A 214 -5.13 -13.40 17.01
CA VAL A 214 -6.45 -13.93 16.67
C VAL A 214 -7.53 -12.84 16.44
N PHE A 215 -7.30 -11.62 16.92
CA PHE A 215 -8.19 -10.48 16.68
C PHE A 215 -7.57 -9.41 15.76
N PHE A 216 -6.25 -9.35 15.72
CA PHE A 216 -5.52 -8.47 14.78
C PHE A 216 -5.13 -9.17 13.43
N ILE A 217 -4.86 -10.47 13.43
CA ILE A 217 -4.55 -10.96 12.09
C ILE A 217 -5.84 -11.06 11.25
N PRO A 218 -6.94 -11.66 11.81
CA PRO A 218 -8.22 -11.56 11.12
C PRO A 218 -8.79 -10.14 10.91
N PHE A 219 -8.73 -9.27 11.91
CA PHE A 219 -9.16 -7.89 11.70
C PHE A 219 -8.46 -7.36 10.48
N ILE A 220 -7.21 -7.74 10.30
CA ILE A 220 -6.47 -7.23 9.15
C ILE A 220 -6.97 -7.84 7.84
N PHE A 221 -7.23 -9.15 7.82
CA PHE A 221 -7.76 -9.83 6.61
C PHE A 221 -9.07 -9.15 6.09
N VAL A 222 -10.01 -8.97 7.00
CA VAL A 222 -11.33 -8.43 6.73
C VAL A 222 -11.19 -7.05 6.18
N VAL A 223 -10.44 -6.27 6.92
CA VAL A 223 -10.24 -4.91 6.60
C VAL A 223 -9.62 -4.75 5.25
N THR A 224 -8.66 -5.63 4.92
CA THR A 224 -8.03 -5.60 3.60
C THR A 224 -8.97 -6.09 2.56
N PHE A 225 -9.64 -7.20 2.88
CA PHE A 225 -10.59 -7.80 1.95
C PHE A 225 -11.69 -6.82 1.42
N VAL A 226 -12.32 -6.05 2.32
CA VAL A 226 -13.39 -5.07 1.99
C VAL A 226 -12.91 -3.89 1.13
N MET A 227 -11.81 -3.24 1.53
CA MET A 227 -11.20 -2.14 0.74
C MET A 227 -10.91 -2.58 -0.71
N ILE A 228 -10.36 -3.78 -0.85
CA ILE A 228 -9.98 -4.24 -2.14
C ILE A 228 -11.27 -4.51 -2.82
N ASN A 229 -12.24 -5.08 -2.15
CA ASN A 229 -13.46 -5.36 -2.90
C ASN A 229 -14.26 -4.12 -3.21
N LEU A 230 -14.19 -3.11 -2.36
CA LEU A 230 -14.80 -1.82 -2.60
C LEU A 230 -14.26 -1.18 -3.86
N VAL A 231 -12.94 -1.05 -3.92
CA VAL A 231 -12.26 -0.51 -5.11
C VAL A 231 -12.65 -1.30 -6.35
N VAL A 232 -12.60 -2.62 -6.28
CA VAL A 232 -12.96 -3.46 -7.39
C VAL A 232 -14.39 -3.09 -7.80
N ALA A 233 -15.28 -2.96 -6.83
CA ALA A 233 -16.67 -2.65 -7.12
C ALA A 233 -16.81 -1.29 -7.83
N ILE A 234 -15.88 -0.36 -7.56
CA ILE A 234 -15.85 0.96 -8.25
C ILE A 234 -15.53 0.73 -9.74
N ILE A 235 -14.50 -0.08 -10.02
CA ILE A 235 -14.02 -0.35 -11.37
C ILE A 235 -15.10 -1.05 -12.21
N VAL A 236 -15.76 -2.06 -11.64
CA VAL A 236 -16.80 -2.77 -12.39
C VAL A 236 -17.92 -1.76 -12.72
N ASP A 237 -18.32 -0.97 -11.72
CA ASP A 237 -19.41 0.01 -11.86
C ASP A 237 -18.99 1.19 -12.75
N MET B 19 -54.30 -22.10 15.66
CA MET B 19 -53.83 -20.76 16.06
C MET B 19 -52.39 -20.58 15.59
N TYR B 20 -51.95 -21.50 14.73
CA TYR B 20 -50.59 -21.57 14.19
C TYR B 20 -50.22 -20.25 13.51
N LEU B 21 -50.91 -20.00 12.40
CA LEU B 21 -50.70 -18.85 11.51
C LEU B 21 -50.72 -17.52 12.28
N ARG B 22 -51.45 -17.49 13.40
CA ARG B 22 -51.60 -16.29 14.23
C ARG B 22 -50.28 -15.90 14.90
N ILE B 23 -49.63 -16.88 15.52
CA ILE B 23 -48.28 -16.68 16.05
C ILE B 23 -47.39 -16.30 14.86
N THR B 24 -47.51 -17.03 13.75
CA THR B 24 -46.74 -16.79 12.52
C THR B 24 -46.96 -15.35 12.05
N ASN B 25 -48.16 -14.87 12.27
CA ASN B 25 -48.56 -13.55 11.87
C ASN B 25 -47.71 -12.52 12.60
N ILE B 26 -47.43 -12.80 13.85
CA ILE B 26 -46.77 -11.86 14.76
C ILE B 26 -45.28 -11.51 14.49
N VAL B 27 -44.42 -12.51 14.42
CA VAL B 27 -42.95 -12.33 14.28
C VAL B 27 -42.52 -11.92 12.86
N GLU B 28 -43.42 -12.09 11.91
CA GLU B 28 -43.15 -11.73 10.53
C GLU B 28 -43.55 -10.28 10.31
N SER B 29 -44.16 -9.65 11.31
CA SER B 29 -44.64 -8.30 11.12
C SER B 29 -43.49 -7.31 11.08
N SER B 30 -43.66 -6.27 10.27
CA SER B 30 -42.72 -5.18 10.18
C SER B 30 -42.58 -4.39 11.47
N PHE B 31 -43.62 -4.37 12.30
CA PHE B 31 -43.52 -3.65 13.55
C PHE B 31 -42.54 -4.28 14.52
N PHE B 32 -42.55 -5.60 14.54
CA PHE B 32 -41.74 -6.38 15.48
C PHE B 32 -40.23 -6.22 15.27
N THR B 33 -39.79 -6.58 14.05
CA THR B 33 -38.40 -6.54 13.64
C THR B 33 -37.67 -5.20 13.72
N LYS B 34 -38.23 -4.14 13.13
CA LYS B 34 -37.56 -2.83 13.12
C LYS B 34 -37.23 -2.43 14.56
N PHE B 35 -38.19 -2.70 15.42
CA PHE B 35 -38.08 -2.42 16.84
C PHE B 35 -36.96 -3.28 17.46
N ILE B 36 -36.92 -4.58 17.18
CA ILE B 36 -35.91 -5.44 17.83
C ILE B 36 -34.57 -5.07 17.20
N ILE B 37 -34.61 -4.52 16.00
CA ILE B 37 -33.44 -3.93 15.34
C ILE B 37 -33.02 -2.72 16.18
N TYR B 38 -34.03 -1.98 16.62
CA TYR B 38 -33.88 -0.79 17.47
C TYR B 38 -33.27 -1.14 18.84
N LEU B 39 -33.54 -2.33 19.35
CA LEU B 39 -32.98 -2.79 20.63
C LEU B 39 -31.50 -3.12 20.42
N ILE B 40 -31.19 -3.57 19.21
CA ILE B 40 -29.82 -3.82 18.81
C ILE B 40 -29.15 -2.48 18.84
N VAL B 41 -29.74 -1.50 18.16
CA VAL B 41 -29.18 -0.16 18.16
C VAL B 41 -29.03 0.32 19.60
N LEU B 42 -30.03 0.03 20.43
CA LEU B 42 -30.01 0.42 21.84
C LEU B 42 -28.89 -0.26 22.66
N ASN B 43 -28.77 -1.58 22.52
CA ASN B 43 -27.72 -2.37 23.17
C ASN B 43 -26.35 -1.90 22.68
N GLY B 44 -26.30 -1.53 21.40
CA GLY B 44 -25.10 -1.03 20.81
C GLY B 44 -24.67 0.21 21.55
N ILE B 45 -25.62 1.08 21.88
CA ILE B 45 -25.28 2.28 22.65
C ILE B 45 -24.83 2.02 24.08
N THR B 46 -25.55 1.18 24.81
CA THR B 46 -25.20 0.95 26.21
C THR B 46 -23.84 0.28 26.35
N MET B 47 -23.51 -0.56 25.38
CA MET B 47 -22.25 -1.30 25.39
C MET B 47 -21.03 -0.39 25.20
N GLY B 48 -21.20 0.63 24.38
CA GLY B 48 -20.23 1.69 24.25
C GLY B 48 -20.07 2.33 25.61
N LEU B 49 -21.19 2.57 26.28
CA LEU B 49 -21.19 3.25 27.57
C LEU B 49 -20.46 2.47 28.66
N GLU B 50 -20.48 1.15 28.54
CA GLU B 50 -19.92 0.23 29.52
C GLU B 50 -18.40 0.28 29.50
N THR B 51 -17.88 1.07 28.57
CA THR B 51 -16.45 1.23 28.38
C THR B 51 -15.91 2.19 29.41
N SER B 52 -16.77 3.11 29.83
CA SER B 52 -16.41 4.08 30.85
C SER B 52 -16.49 3.49 32.24
N LYS B 53 -15.40 3.67 32.97
CA LYS B 53 -15.32 3.26 34.36
C LYS B 53 -16.15 4.29 35.13
N THR B 54 -16.05 5.57 34.76
CA THR B 54 -16.91 6.63 35.32
C THR B 54 -18.39 6.24 35.24
N PHE B 55 -18.89 6.10 34.00
CA PHE B 55 -20.28 5.70 33.75
C PHE B 55 -20.70 4.46 34.51
N MET B 56 -19.89 3.41 34.43
CA MET B 56 -20.25 2.13 35.03
C MET B 56 -20.47 2.27 36.54
N GLN B 57 -19.78 3.21 37.16
CA GLN B 57 -19.85 3.42 38.59
C GLN B 57 -21.23 3.90 39.04
N SER B 58 -21.73 4.95 38.41
CA SER B 58 -22.99 5.58 38.83
C SER B 58 -24.17 5.27 37.91
N PHE B 59 -24.03 4.30 37.03
CA PHE B 59 -25.12 3.95 36.13
C PHE B 59 -25.08 2.50 35.72
N GLY B 60 -24.25 1.73 36.40
CA GLY B 60 -23.94 0.37 36.06
C GLY B 60 -25.21 -0.46 36.14
N VAL B 61 -26.04 -0.21 37.14
CA VAL B 61 -27.25 -1.02 37.31
C VAL B 61 -28.29 -0.76 36.22
N TYR B 62 -28.31 0.43 35.62
CA TYR B 62 -29.22 0.70 34.48
C TYR B 62 -28.92 -0.19 33.30
N THR B 63 -27.65 -0.56 33.14
CA THR B 63 -27.25 -1.30 31.97
C THR B 63 -26.96 -2.73 32.31
N THR B 64 -26.73 -3.00 33.58
CA THR B 64 -26.59 -4.39 33.94
C THR B 64 -28.02 -4.93 33.81
N LEU B 65 -28.98 -4.04 34.07
CA LEU B 65 -30.40 -4.34 33.92
C LEU B 65 -30.88 -4.40 32.48
N PHE B 66 -30.52 -3.37 31.75
CA PHE B 66 -30.85 -3.26 30.33
C PHE B 66 -30.36 -4.48 29.54
N ASN B 67 -29.18 -4.98 29.90
CA ASN B 67 -28.58 -6.18 29.30
C ASN B 67 -29.34 -7.49 29.47
N GLN B 68 -29.87 -7.74 30.66
CA GLN B 68 -30.61 -8.98 30.88
C GLN B 68 -31.93 -9.13 30.12
N ILE B 69 -32.72 -8.05 30.06
CA ILE B 69 -33.98 -8.06 29.31
C ILE B 69 -33.77 -8.41 27.84
N VAL B 70 -32.86 -7.68 27.20
CA VAL B 70 -32.58 -7.86 25.80
C VAL B 70 -32.16 -9.29 25.43
N ILE B 71 -31.28 -9.88 26.22
CA ILE B 71 -30.81 -11.25 25.93
C ILE B 71 -32.00 -12.23 25.95
N THR B 72 -32.92 -12.01 26.88
CA THR B 72 -34.13 -12.81 27.04
C THR B 72 -35.02 -12.65 25.82
N ILE B 73 -35.31 -11.39 25.48
CA ILE B 73 -36.13 -11.08 24.30
C ILE B 73 -35.60 -11.77 23.06
N PHE B 74 -34.30 -11.68 22.86
CA PHE B 74 -33.65 -12.33 21.74
C PHE B 74 -33.81 -13.83 21.78
N THR B 75 -33.89 -14.39 22.99
CA THR B 75 -34.01 -15.84 23.14
C THR B 75 -35.37 -16.32 22.69
N ILE B 76 -36.42 -15.61 23.10
CA ILE B 76 -37.78 -15.95 22.68
C ILE B 76 -37.94 -15.82 21.17
N GLU B 77 -37.32 -14.79 20.60
CA GLU B 77 -37.39 -14.58 19.16
C GLU B 77 -36.77 -15.72 18.38
N ILE B 78 -35.62 -16.20 18.84
CA ILE B 78 -34.93 -17.29 18.19
C ILE B 78 -35.72 -18.57 18.26
N ILE B 79 -36.30 -18.82 19.43
CA ILE B 79 -37.12 -19.99 19.63
C ILE B 79 -38.37 -19.95 18.75
N LEU B 80 -39.06 -18.81 18.79
CA LEU B 80 -40.25 -18.56 17.98
C LEU B 80 -40.00 -18.74 16.48
N ARG B 81 -38.94 -18.09 15.99
CA ARG B 81 -38.63 -18.11 14.56
C ARG B 81 -38.38 -19.54 14.10
N ILE B 82 -37.92 -20.37 15.03
CA ILE B 82 -37.71 -21.80 14.78
C ILE B 82 -39.06 -22.53 14.61
N TYR B 83 -40.03 -22.27 15.48
CA TYR B 83 -41.34 -22.93 15.40
C TYR B 83 -42.09 -22.54 14.12
N VAL B 84 -41.89 -21.30 13.69
CA VAL B 84 -42.38 -20.80 12.41
C VAL B 84 -41.69 -21.43 11.19
N HIS B 85 -40.37 -21.60 11.26
CA HIS B 85 -39.61 -22.08 10.11
C HIS B 85 -39.15 -23.54 10.17
N ARG B 86 -38.93 -24.05 11.39
CA ARG B 86 -38.44 -25.42 11.63
C ARG B 86 -37.24 -25.70 10.75
N ILE B 87 -37.32 -26.77 9.95
CA ILE B 87 -36.14 -27.32 9.29
C ILE B 87 -35.50 -26.21 8.42
N SER B 88 -36.33 -25.35 7.82
CA SER B 88 -35.87 -24.25 6.97
C SER B 88 -34.94 -23.27 7.71
N PHE B 89 -35.18 -23.10 9.02
CA PHE B 89 -34.46 -22.12 9.84
C PHE B 89 -32.98 -22.44 9.82
N PHE B 90 -32.72 -23.72 9.83
CA PHE B 90 -31.38 -24.26 10.01
C PHE B 90 -30.67 -24.49 8.67
N LYS B 91 -31.28 -24.04 7.58
CA LYS B 91 -30.54 -24.04 6.30
C LYS B 91 -30.44 -22.61 5.81
N ASP B 92 -30.66 -21.65 6.71
CA ASP B 92 -30.46 -20.25 6.38
C ASP B 92 -29.17 -19.77 7.04
N PRO B 93 -28.18 -19.38 6.22
CA PRO B 93 -26.88 -19.01 6.75
C PRO B 93 -26.94 -17.82 7.72
N TRP B 94 -27.83 -16.86 7.46
CA TRP B 94 -27.90 -15.65 8.29
C TRP B 94 -28.51 -15.91 9.67
N SER B 95 -29.41 -16.87 9.75
CA SER B 95 -30.09 -17.20 11.01
C SER B 95 -29.26 -18.14 11.86
N LEU B 96 -28.53 -19.03 11.20
CA LEU B 96 -27.56 -19.87 11.89
C LEU B 96 -26.59 -18.93 12.57
N PHE B 97 -26.12 -17.93 11.85
CA PHE B 97 -25.28 -16.94 12.47
C PHE B 97 -26.04 -16.35 13.67
N ASP B 98 -27.26 -15.86 13.42
CA ASP B 98 -28.13 -15.30 14.47
C ASP B 98 -28.24 -16.26 15.67
N PHE B 99 -28.56 -17.51 15.38
CA PHE B 99 -28.62 -18.59 16.38
C PHE B 99 -27.35 -18.65 17.21
N PHE B 100 -26.22 -18.76 16.54
CA PHE B 100 -24.98 -19.04 17.22
C PHE B 100 -24.54 -17.86 18.05
N VAL B 101 -24.75 -16.64 17.58
CA VAL B 101 -24.35 -15.50 18.38
C VAL B 101 -25.25 -15.15 19.56
N VAL B 102 -26.45 -15.70 19.61
CA VAL B 102 -27.26 -15.53 20.81
C VAL B 102 -26.89 -16.64 21.79
N ALA B 103 -26.71 -17.84 21.24
CA ALA B 103 -26.32 -19.04 21.96
C ALA B 103 -25.08 -18.80 22.78
N ILE B 104 -24.07 -18.24 22.14
CA ILE B 104 -22.85 -17.87 22.83
C ILE B 104 -23.26 -17.08 24.09
N SER B 105 -24.19 -16.14 23.96
CA SER B 105 -24.60 -15.35 25.13
C SER B 105 -25.39 -16.19 26.14
N LEU B 106 -25.72 -17.43 25.77
CA LEU B 106 -26.54 -18.28 26.64
C LEU B 106 -25.57 -19.22 27.36
N VAL B 107 -24.29 -19.14 26.99
CA VAL B 107 -23.24 -19.87 27.69
C VAL B 107 -22.99 -18.98 28.89
N PRO B 108 -22.81 -19.57 30.08
CA PRO B 108 -22.65 -18.72 31.27
C PRO B 108 -21.38 -17.86 31.33
N THR B 109 -21.19 -17.28 32.51
CA THR B 109 -20.08 -16.37 32.76
C THR B 109 -18.72 -17.03 32.57
N SER B 110 -18.46 -18.09 33.32
CA SER B 110 -17.11 -18.65 33.37
C SER B 110 -17.03 -20.11 32.92
N SER B 111 -16.01 -20.37 32.10
CA SER B 111 -15.56 -21.72 31.76
C SER B 111 -14.04 -21.73 31.92
N GLY B 112 -13.57 -20.97 32.92
CA GLY B 112 -12.17 -20.58 33.09
C GLY B 112 -11.87 -19.52 32.04
N PHE B 113 -12.32 -19.82 30.84
CA PHE B 113 -12.25 -18.98 29.66
C PHE B 113 -13.38 -17.94 29.72
N GLU B 114 -13.11 -16.78 30.30
CA GLU B 114 -14.10 -15.71 30.43
C GLU B 114 -13.88 -14.78 29.24
N ILE B 115 -13.18 -15.33 28.26
CA ILE B 115 -12.92 -14.71 26.97
C ILE B 115 -14.26 -14.64 26.22
N LEU B 116 -15.20 -15.51 26.60
CA LEU B 116 -16.49 -15.63 25.93
C LEU B 116 -17.45 -14.47 26.23
N ARG B 117 -17.35 -13.94 27.45
CA ARG B 117 -18.14 -12.79 27.92
C ARG B 117 -17.82 -11.60 27.03
N VAL B 118 -16.63 -11.63 26.47
CA VAL B 118 -16.20 -10.56 25.58
C VAL B 118 -16.77 -10.83 24.19
N LEU B 119 -16.85 -12.09 23.80
CA LEU B 119 -17.43 -12.47 22.51
C LEU B 119 -18.93 -12.15 22.43
N ARG B 120 -19.56 -11.85 23.57
CA ARG B 120 -20.97 -11.43 23.61
C ARG B 120 -21.28 -10.28 22.64
N VAL B 121 -20.39 -9.30 22.54
CA VAL B 121 -20.64 -8.10 21.73
C VAL B 121 -20.72 -8.43 20.22
N LEU B 122 -20.42 -9.67 19.87
CA LEU B 122 -20.61 -10.24 18.54
C LEU B 122 -22.08 -10.22 18.06
N ARG B 123 -23.03 -10.19 19.00
CA ARG B 123 -24.46 -10.21 18.67
C ARG B 123 -24.85 -8.93 18.00
N LEU B 124 -23.98 -7.92 18.05
CA LEU B 124 -24.26 -6.63 17.41
C LEU B 124 -24.10 -6.74 15.92
N PHE B 125 -23.54 -7.86 15.46
CA PHE B 125 -23.49 -8.11 14.03
C PHE B 125 -24.89 -8.49 13.58
N ARG B 126 -25.80 -8.74 14.52
CA ARG B 126 -27.21 -9.01 14.17
C ARG B 126 -27.90 -7.87 13.38
N LEU B 127 -27.44 -6.64 13.58
CA LEU B 127 -27.89 -5.52 12.77
C LEU B 127 -27.59 -5.76 11.29
N VAL B 128 -26.53 -6.52 11.02
CA VAL B 128 -26.22 -6.94 9.65
C VAL B 128 -27.24 -7.96 9.18
N THR B 129 -27.55 -8.91 10.07
CA THR B 129 -28.45 -9.98 9.69
C THR B 129 -29.85 -9.43 9.62
N ALA B 130 -30.10 -8.36 10.35
CA ALA B 130 -31.46 -7.88 10.50
C ALA B 130 -31.84 -6.82 9.52
N VAL B 131 -30.87 -6.26 8.83
CA VAL B 131 -31.18 -5.17 7.92
C VAL B 131 -30.81 -5.59 6.50
N PRO B 132 -31.83 -5.82 5.68
CA PRO B 132 -31.70 -6.43 4.36
C PRO B 132 -30.66 -5.75 3.48
N GLN B 133 -30.57 -4.44 3.57
CA GLN B 133 -29.59 -3.68 2.79
C GLN B 133 -28.12 -3.97 3.18
N MET B 134 -27.90 -4.24 4.47
CA MET B 134 -26.61 -4.73 5.02
C MET B 134 -26.24 -6.07 4.38
N ARG B 135 -27.18 -7.02 4.49
CA ARG B 135 -27.07 -8.37 3.92
C ARG B 135 -26.63 -8.31 2.46
N LYS B 136 -27.13 -7.32 1.72
CA LYS B 136 -26.90 -7.26 0.29
C LYS B 136 -25.41 -7.03 0.09
N ILE B 137 -24.85 -6.14 0.90
CA ILE B 137 -23.44 -5.81 0.81
C ILE B 137 -22.52 -6.96 1.21
N VAL B 138 -22.81 -7.58 2.34
CA VAL B 138 -22.00 -8.70 2.83
C VAL B 138 -21.98 -9.90 1.88
N SER B 139 -23.16 -10.24 1.38
CA SER B 139 -23.34 -11.35 0.46
C SER B 139 -22.56 -11.10 -0.82
N ALA B 140 -22.60 -9.86 -1.31
CA ALA B 140 -21.84 -9.50 -2.48
C ALA B 140 -20.37 -9.76 -2.21
N LEU B 141 -19.89 -9.32 -1.04
CA LEU B 141 -18.51 -9.52 -0.59
C LEU B 141 -18.06 -10.99 -0.52
N ILE B 142 -18.92 -11.84 0.02
CA ILE B 142 -18.61 -13.26 0.21
C ILE B 142 -18.37 -13.94 -1.14
N SER B 143 -19.20 -13.57 -2.10
CA SER B 143 -19.22 -14.17 -3.41
C SER B 143 -17.87 -14.15 -4.14
N VAL B 144 -17.07 -13.14 -3.81
CA VAL B 144 -15.69 -13.03 -4.21
C VAL B 144 -14.80 -14.21 -3.76
N ILE B 145 -15.09 -14.82 -2.62
CA ILE B 145 -14.16 -15.76 -1.98
C ILE B 145 -13.90 -17.11 -2.70
N PRO B 146 -14.96 -17.86 -3.10
CA PRO B 146 -14.78 -19.20 -3.69
C PRO B 146 -13.84 -19.18 -4.87
N GLY B 147 -13.96 -18.11 -5.66
CA GLY B 147 -13.07 -17.86 -6.78
C GLY B 147 -11.63 -17.87 -6.29
N MET B 148 -11.41 -17.41 -5.05
CA MET B 148 -10.04 -17.24 -4.60
C MET B 148 -9.57 -18.45 -3.78
N LEU B 149 -10.44 -19.44 -3.55
CA LEU B 149 -9.99 -20.64 -2.83
C LEU B 149 -8.79 -21.33 -3.51
N SER B 150 -8.68 -21.17 -4.83
CA SER B 150 -7.57 -21.76 -5.57
C SER B 150 -6.28 -21.00 -5.29
N VAL B 151 -6.44 -19.68 -5.21
CA VAL B 151 -5.35 -18.76 -4.92
C VAL B 151 -4.89 -18.99 -3.50
N ILE B 152 -5.86 -19.15 -2.58
CA ILE B 152 -5.54 -19.44 -1.22
C ILE B 152 -4.70 -20.69 -0.91
N ALA B 153 -4.88 -21.79 -1.62
CA ALA B 153 -4.06 -22.99 -1.30
C ALA B 153 -2.58 -22.87 -1.73
N LEU B 154 -2.34 -22.36 -2.94
CA LEU B 154 -0.99 -22.16 -3.42
C LEU B 154 -0.23 -21.29 -2.45
N MET B 155 -0.83 -20.16 -2.04
CA MET B 155 -0.19 -19.23 -1.12
C MET B 155 0.13 -19.78 0.26
N THR B 156 -0.83 -20.48 0.83
CA THR B 156 -0.68 -21.11 2.13
C THR B 156 0.46 -22.15 2.07
N LEU B 157 0.64 -22.78 0.93
CA LEU B 157 1.71 -23.78 0.82
C LEU B 157 3.11 -23.18 0.79
N PHE B 158 3.28 -22.16 -0.04
CA PHE B 158 4.53 -21.45 -0.21
C PHE B 158 4.93 -20.93 1.17
N PHE B 159 3.93 -20.38 1.84
CA PHE B 159 4.04 -19.91 3.21
C PHE B 159 4.49 -21.02 4.12
N TYR B 160 3.87 -22.19 3.99
CA TYR B 160 4.21 -23.33 4.86
C TYR B 160 5.70 -23.72 4.77
N ILE B 161 6.19 -23.89 3.53
CA ILE B 161 7.58 -24.27 3.22
C ILE B 161 8.59 -23.24 3.64
N PHE B 162 8.36 -22.01 3.22
CA PHE B 162 9.29 -20.94 3.53
C PHE B 162 9.36 -20.68 5.00
N ALA B 163 8.25 -20.91 5.68
CA ALA B 163 8.19 -20.80 7.12
C ALA B 163 9.20 -21.81 7.69
N ILE B 164 9.22 -23.02 7.11
CA ILE B 164 10.12 -24.06 7.54
C ILE B 164 11.56 -23.60 7.30
N MET B 165 11.87 -23.14 6.09
CA MET B 165 13.22 -22.70 5.83
C MET B 165 13.59 -21.61 6.84
N ALA B 166 12.69 -20.65 7.03
CA ALA B 166 12.92 -19.58 8.00
C ALA B 166 13.22 -20.11 9.41
N THR B 167 12.40 -21.03 9.93
CA THR B 167 12.64 -21.51 11.29
C THR B 167 13.99 -22.13 11.45
N GLN B 168 14.46 -22.84 10.45
CA GLN B 168 15.71 -23.55 10.54
C GLN B 168 16.84 -22.58 10.34
N LEU B 169 16.57 -21.58 9.55
CA LEU B 169 17.62 -20.64 9.22
C LEU B 169 17.94 -19.55 10.25
N PHE B 170 16.92 -19.10 10.97
CA PHE B 170 17.00 -17.92 11.83
C PHE B 170 16.54 -18.19 13.25
N GLY B 171 16.00 -19.36 13.44
CA GLY B 171 15.37 -19.77 14.67
C GLY B 171 16.29 -19.84 15.87
N GLU B 172 17.50 -20.30 15.64
CA GLU B 172 18.37 -20.46 16.77
C GLU B 172 18.84 -19.08 17.35
N ARG B 173 19.20 -18.17 16.45
CA ARG B 173 19.67 -16.84 16.85
C ARG B 173 18.56 -15.81 16.97
N PHE B 174 17.42 -16.11 16.36
CA PHE B 174 16.30 -15.17 16.39
C PHE B 174 14.99 -15.85 16.73
N PRO B 175 14.94 -16.38 17.95
CA PRO B 175 13.80 -17.16 18.41
C PRO B 175 12.50 -16.38 18.42
N GLU B 176 12.52 -15.10 18.75
CA GLU B 176 11.26 -14.34 18.74
C GLU B 176 10.61 -14.38 17.39
N TRP B 177 11.41 -14.17 16.35
CA TRP B 177 10.85 -14.02 15.01
C TRP B 177 10.59 -15.22 14.07
N PHE B 178 11.40 -16.23 14.28
CA PHE B 178 11.53 -17.36 13.44
C PHE B 178 11.73 -18.60 14.31
N GLY B 179 11.61 -18.44 15.62
CA GLY B 179 12.04 -19.53 16.49
C GLY B 179 11.27 -20.80 16.28
N THR B 180 10.12 -20.63 15.67
CA THR B 180 9.08 -21.63 15.65
C THR B 180 8.27 -21.56 14.32
N LEU B 181 7.71 -22.69 13.90
CA LEU B 181 6.94 -22.65 12.69
C LEU B 181 5.90 -21.54 12.81
N GLY B 182 5.17 -21.51 13.89
CA GLY B 182 4.17 -20.46 14.03
C GLY B 182 4.77 -19.07 14.04
N GLU B 183 5.96 -19.00 14.60
CA GLU B 183 6.59 -17.71 14.71
C GLU B 183 7.13 -17.31 13.40
N SER B 184 7.60 -18.25 12.60
CA SER B 184 8.11 -17.80 11.32
C SER B 184 6.91 -17.39 10.44
N PHE B 185 5.82 -18.14 10.55
CA PHE B 185 4.58 -17.76 9.93
C PHE B 185 4.19 -16.30 10.26
N TYR B 186 4.12 -15.95 11.54
CA TYR B 186 3.82 -14.56 11.91
C TYR B 186 4.78 -13.53 11.32
N THR B 187 6.09 -13.73 11.47
CA THR B 187 6.98 -12.71 10.94
C THR B 187 6.75 -12.59 9.41
N LEU B 188 6.73 -13.76 8.73
CA LEU B 188 6.49 -13.80 7.27
C LEU B 188 5.19 -13.11 6.81
N PHE B 189 4.14 -13.29 7.60
CA PHE B 189 2.93 -12.59 7.31
C PHE B 189 3.16 -11.10 7.40
N GLN B 190 3.89 -10.70 8.47
CA GLN B 190 4.29 -9.30 8.68
C GLN B 190 5.09 -8.67 7.57
N VAL B 191 6.08 -9.41 7.11
CA VAL B 191 6.90 -8.95 6.02
C VAL B 191 6.03 -8.83 4.75
N MET B 192 5.06 -9.74 4.62
CA MET B 192 4.15 -9.73 3.47
C MET B 192 3.24 -8.52 3.48
N THR B 193 2.84 -8.08 4.66
CA THR B 193 2.05 -6.87 4.71
C THR B 193 3.02 -5.68 4.52
N LEU B 194 4.29 -5.99 4.29
CA LEU B 194 5.32 -4.96 4.13
C LEU B 194 5.41 -4.02 5.34
N ASP B 195 5.35 -4.59 6.53
CA ASP B 195 5.33 -3.80 7.79
C ASP B 195 6.74 -3.73 8.41
N ASP B 196 7.43 -2.60 8.26
CA ASP B 196 8.78 -2.44 8.83
C ASP B 196 9.65 -3.62 8.43
N TRP B 197 9.53 -4.06 7.18
CA TRP B 197 10.16 -5.33 6.85
C TRP B 197 11.69 -5.12 6.77
N SER B 198 12.12 -3.96 6.31
CA SER B 198 13.54 -3.78 6.10
C SER B 198 14.34 -3.44 7.28
N ASN B 199 14.12 -2.24 7.80
CA ASN B 199 14.79 -1.79 9.00
C ASN B 199 14.42 -2.67 10.16
N GLY B 200 13.23 -3.24 10.10
CA GLY B 200 12.75 -3.93 11.28
C GLY B 200 13.18 -5.35 11.44
N ILE B 201 13.39 -6.06 10.32
CA ILE B 201 13.73 -7.51 10.36
C ILE B 201 14.97 -7.93 9.54
N VAL B 202 15.01 -7.60 8.27
CA VAL B 202 16.03 -8.16 7.40
C VAL B 202 17.40 -7.53 7.65
N ARG B 203 17.44 -6.22 7.85
CA ARG B 203 18.71 -5.53 8.21
C ARG B 203 19.29 -6.17 9.48
N PRO B 204 18.50 -6.31 10.57
CA PRO B 204 19.09 -7.02 11.72
C PRO B 204 19.64 -8.38 11.45
N LEU B 205 18.84 -9.19 10.79
CA LEU B 205 19.24 -10.53 10.36
C LEU B 205 20.52 -10.57 9.53
N MET B 206 20.69 -9.63 8.61
CA MET B 206 21.88 -9.70 7.78
C MET B 206 23.15 -9.42 8.58
N GLU B 207 23.02 -8.79 9.74
CA GLU B 207 24.19 -8.57 10.59
C GLU B 207 24.72 -9.93 11.04
N VAL B 208 23.83 -10.91 11.25
CA VAL B 208 24.35 -12.23 11.62
C VAL B 208 24.46 -13.11 10.38
N TYR B 209 23.51 -12.89 9.49
CA TYR B 209 23.37 -13.71 8.29
C TYR B 209 23.19 -12.78 7.10
N PRO B 210 24.33 -12.29 6.57
CA PRO B 210 24.46 -11.31 5.51
C PRO B 210 23.70 -11.64 4.24
N TYR B 211 23.35 -12.91 4.03
CA TYR B 211 22.70 -13.27 2.79
C TYR B 211 21.18 -13.40 2.89
N ALA B 212 20.61 -12.92 3.98
CA ALA B 212 19.19 -13.13 4.27
C ALA B 212 18.34 -12.47 3.17
N TRP B 213 18.91 -11.51 2.45
CA TRP B 213 18.19 -10.81 1.37
C TRP B 213 17.86 -11.72 0.20
N VAL B 214 18.53 -12.88 0.15
CA VAL B 214 18.38 -13.84 -0.92
C VAL B 214 17.12 -14.63 -0.61
N PHE B 215 16.70 -14.57 0.66
CA PHE B 215 15.48 -15.25 1.11
C PHE B 215 14.26 -14.36 0.99
N PHE B 216 14.32 -13.17 1.57
CA PHE B 216 13.17 -12.26 1.76
C PHE B 216 12.77 -11.37 0.59
N ILE B 217 13.70 -11.02 -0.26
CA ILE B 217 13.34 -10.17 -1.37
C ILE B 217 12.61 -11.02 -2.41
N PRO B 218 13.11 -12.24 -2.69
CA PRO B 218 12.28 -13.13 -3.49
C PRO B 218 10.87 -13.40 -2.96
N PHE B 219 10.75 -13.66 -1.66
CA PHE B 219 9.48 -13.86 -0.93
C PHE B 219 8.49 -12.70 -1.14
N ILE B 220 9.05 -11.52 -1.01
CA ILE B 220 8.34 -10.27 -1.14
C ILE B 220 7.88 -10.18 -2.56
N PHE B 221 8.81 -10.50 -3.47
CA PHE B 221 8.54 -10.48 -4.89
C PHE B 221 7.28 -11.34 -5.23
N VAL B 222 7.22 -12.54 -4.65
CA VAL B 222 6.13 -13.46 -4.96
C VAL B 222 4.81 -12.99 -4.36
N VAL B 223 4.85 -12.62 -3.08
CA VAL B 223 3.67 -12.21 -2.32
C VAL B 223 3.11 -10.90 -2.88
N THR B 224 3.96 -10.00 -3.35
CA THR B 224 3.44 -8.78 -3.96
C THR B 224 2.81 -9.12 -5.29
N PHE B 225 3.57 -9.87 -6.09
CA PHE B 225 3.16 -10.34 -7.42
C PHE B 225 1.79 -11.02 -7.44
N VAL B 226 1.61 -11.99 -6.55
CA VAL B 226 0.40 -12.83 -6.51
C VAL B 226 -0.79 -11.95 -6.10
N MET B 227 -0.54 -11.06 -5.18
CA MET B 227 -1.53 -10.08 -4.76
C MET B 227 -2.06 -9.31 -5.95
N ILE B 228 -1.16 -8.66 -6.68
CA ILE B 228 -1.51 -7.87 -7.84
C ILE B 228 -2.39 -8.75 -8.71
N ASN B 229 -1.89 -9.92 -9.03
CA ASN B 229 -2.59 -10.88 -9.87
C ASN B 229 -3.94 -11.31 -9.26
N LEU B 230 -3.99 -11.42 -7.94
CA LEU B 230 -5.23 -11.72 -7.19
C LEU B 230 -6.34 -10.71 -7.50
N VAL B 231 -6.00 -9.44 -7.34
CA VAL B 231 -6.90 -8.34 -7.67
C VAL B 231 -7.46 -8.43 -9.10
N VAL B 232 -6.59 -8.59 -10.10
CA VAL B 232 -7.01 -8.72 -11.51
C VAL B 232 -8.10 -9.78 -11.75
N ALA B 233 -7.94 -10.92 -11.07
CA ALA B 233 -8.87 -12.02 -11.12
C ALA B 233 -10.22 -11.60 -10.53
N ILE B 234 -10.17 -10.91 -9.39
CA ILE B 234 -11.37 -10.40 -8.70
C ILE B 234 -12.20 -9.52 -9.65
N ILE B 235 -11.56 -8.51 -10.23
CA ILE B 235 -12.17 -7.60 -11.20
C ILE B 235 -12.95 -8.39 -12.27
N VAL B 236 -12.32 -9.37 -12.91
CA VAL B 236 -12.90 -10.06 -14.07
C VAL B 236 -14.09 -10.90 -13.58
N ASP B 237 -13.93 -11.47 -12.39
CA ASP B 237 -14.93 -12.31 -11.73
C ASP B 237 -16.06 -11.47 -11.12
N MET C 19 29.25 19.46 -47.13
CA MET C 19 28.56 20.72 -47.50
C MET C 19 27.04 20.51 -47.54
N TYR C 20 26.47 20.25 -46.37
CA TYR C 20 25.01 20.21 -46.15
C TYR C 20 24.30 18.99 -46.83
N LEU C 21 24.55 18.72 -48.11
CA LEU C 21 23.92 17.57 -48.79
C LEU C 21 24.43 16.16 -48.38
N ARG C 22 25.72 16.11 -48.06
CA ARG C 22 26.50 14.89 -47.73
C ARG C 22 26.20 14.09 -46.45
N ILE C 23 26.06 14.83 -45.35
CA ILE C 23 25.68 14.35 -44.04
C ILE C 23 24.40 13.55 -43.79
N THR C 24 23.23 14.04 -44.22
CA THR C 24 21.96 13.37 -43.97
C THR C 24 21.91 11.84 -44.20
N ASN C 25 22.59 11.31 -45.22
CA ASN C 25 22.49 9.87 -45.45
C ASN C 25 23.29 9.01 -44.46
N ILE C 26 24.35 9.58 -43.88
CA ILE C 26 25.13 8.93 -42.81
C ILE C 26 24.39 8.84 -41.46
N VAL C 27 24.05 10.03 -40.95
CA VAL C 27 23.34 10.23 -39.68
C VAL C 27 22.06 9.41 -39.53
N GLU C 28 21.33 9.21 -40.62
CA GLU C 28 20.06 8.49 -40.56
C GLU C 28 20.15 6.97 -40.66
N SER C 29 21.36 6.45 -40.82
CA SER C 29 21.48 5.03 -41.07
C SER C 29 21.23 4.16 -39.86
N SER C 30 20.82 2.93 -40.12
CA SER C 30 20.59 1.92 -39.07
C SER C 30 21.88 1.46 -38.38
N PHE C 31 23.04 1.94 -38.88
CA PHE C 31 24.31 1.59 -38.26
C PHE C 31 24.62 2.66 -37.25
N PHE C 32 24.21 3.88 -37.58
CA PHE C 32 24.38 5.02 -36.68
C PHE C 32 23.66 4.76 -35.36
N THR C 33 22.38 4.48 -35.46
CA THR C 33 21.54 4.19 -34.30
C THR C 33 22.05 2.96 -33.53
N LYS C 34 22.48 1.93 -34.24
CA LYS C 34 23.01 0.73 -33.60
C LYS C 34 24.31 1.04 -32.84
N PHE C 35 25.11 1.95 -33.41
CA PHE C 35 26.38 2.31 -32.82
C PHE C 35 26.24 3.04 -31.49
N ILE C 36 25.40 4.08 -31.46
CA ILE C 36 25.20 4.91 -30.27
C ILE C 36 24.65 4.13 -29.07
N ILE C 37 23.67 3.27 -29.31
CA ILE C 37 23.07 2.42 -28.28
C ILE C 37 24.16 1.53 -27.66
N TYR C 38 25.06 1.01 -28.48
CA TYR C 38 26.16 0.19 -27.97
C TYR C 38 27.02 1.01 -27.01
N LEU C 39 27.36 2.24 -27.38
CA LEU C 39 28.17 3.11 -26.53
C LEU C 39 27.54 3.42 -25.17
N ILE C 40 26.22 3.51 -25.14
CA ILE C 40 25.48 3.84 -23.92
C ILE C 40 25.61 2.69 -22.97
N VAL C 41 25.44 1.48 -23.48
CA VAL C 41 25.54 0.27 -22.66
C VAL C 41 26.97 0.03 -22.15
N LEU C 42 27.99 0.37 -22.93
CA LEU C 42 29.35 0.17 -22.44
C LEU C 42 29.61 1.17 -21.31
N ASN C 43 29.19 2.42 -21.54
CA ASN C 43 29.36 3.52 -20.58
C ASN C 43 28.64 3.18 -19.29
N GLY C 44 27.47 2.58 -19.45
CA GLY C 44 26.66 2.21 -18.32
C GLY C 44 27.33 1.12 -17.54
N ILE C 45 28.03 0.22 -18.21
CA ILE C 45 28.79 -0.76 -17.46
C ILE C 45 29.97 -0.08 -16.76
N THR C 46 30.60 0.86 -17.45
CA THR C 46 31.74 1.51 -16.86
C THR C 46 31.33 2.44 -15.72
N MET C 47 30.14 3.03 -15.82
CA MET C 47 29.69 3.93 -14.77
C MET C 47 29.34 3.18 -13.48
N GLY C 48 28.86 1.96 -13.62
CA GLY C 48 28.71 1.06 -12.49
C GLY C 48 30.06 0.90 -11.86
N LEU C 49 31.04 0.44 -12.62
CA LEU C 49 32.40 0.31 -12.12
C LEU C 49 32.96 1.54 -11.37
N GLU C 50 32.66 2.76 -11.82
CA GLU C 50 33.17 3.95 -11.12
C GLU C 50 32.73 4.14 -9.66
N THR C 51 31.68 3.44 -9.24
CA THR C 51 31.17 3.55 -7.88
C THR C 51 32.07 2.75 -6.91
N SER C 52 32.79 1.76 -7.43
CA SER C 52 33.77 0.97 -6.68
C SER C 52 35.11 1.65 -6.52
N LYS C 53 35.51 1.84 -5.27
CA LYS C 53 36.80 2.39 -4.92
C LYS C 53 37.92 1.46 -5.32
N THR C 54 37.71 0.18 -5.11
CA THR C 54 38.77 -0.77 -5.35
C THR C 54 39.10 -0.67 -6.82
N PHE C 55 38.05 -0.57 -7.61
CA PHE C 55 38.21 -0.59 -9.04
C PHE C 55 39.06 0.59 -9.45
N MET C 56 38.83 1.72 -8.82
CA MET C 56 39.48 2.95 -9.22
C MET C 56 41.01 2.98 -9.09
N GLN C 57 41.57 2.49 -7.99
CA GLN C 57 43.01 2.51 -7.86
C GLN C 57 43.52 1.61 -8.95
N SER C 58 42.90 0.45 -9.05
CA SER C 58 43.33 -0.56 -9.99
C SER C 58 43.11 -0.20 -11.44
N PHE C 59 41.96 0.35 -11.78
CA PHE C 59 41.69 0.71 -13.17
C PHE C 59 41.12 2.10 -13.38
N GLY C 60 41.44 3.01 -12.48
CA GLY C 60 40.79 4.30 -12.48
C GLY C 60 40.98 5.11 -13.73
N VAL C 61 42.15 5.02 -14.33
CA VAL C 61 42.59 6.05 -15.25
C VAL C 61 42.08 5.76 -16.67
N TYR C 62 41.88 4.47 -16.97
CA TYR C 62 41.20 4.04 -18.18
C TYR C 62 39.80 4.62 -18.30
N THR C 63 39.09 4.62 -17.17
CA THR C 63 37.69 5.02 -17.16
C THR C 63 37.49 6.53 -17.18
N THR C 64 38.38 7.24 -16.51
CA THR C 64 38.21 8.68 -16.47
C THR C 64 38.39 9.27 -17.88
N LEU C 65 39.25 8.62 -18.69
CA LEU C 65 39.52 9.04 -20.08
C LEU C 65 38.52 8.54 -21.13
N PHE C 66 38.10 7.30 -20.95
CA PHE C 66 37.06 6.67 -21.75
C PHE C 66 35.82 7.58 -21.78
N ASN C 67 35.47 8.11 -20.62
CA ASN C 67 34.36 9.05 -20.48
C ASN C 67 34.40 10.25 -21.43
N GLN C 68 35.54 10.93 -21.57
CA GLN C 68 35.56 12.15 -22.38
C GLN C 68 35.55 11.85 -23.87
N ILE C 69 35.98 10.65 -24.22
CA ILE C 69 35.90 10.21 -25.60
C ILE C 69 34.43 10.01 -25.94
N VAL C 70 33.71 9.36 -25.03
CA VAL C 70 32.28 9.16 -25.20
C VAL C 70 31.51 10.48 -25.23
N ILE C 71 31.94 11.49 -24.47
CA ILE C 71 31.15 12.72 -24.42
C ILE C 71 31.32 13.51 -25.73
N THR C 72 32.46 13.33 -26.37
CA THR C 72 32.75 13.99 -27.63
C THR C 72 32.01 13.33 -28.79
N ILE C 73 32.14 12.02 -28.91
CA ILE C 73 31.37 11.25 -29.90
C ILE C 73 29.87 11.63 -29.88
N PHE C 74 29.30 11.76 -28.68
CA PHE C 74 27.87 12.13 -28.54
C PHE C 74 27.72 13.57 -28.99
N THR C 75 28.75 14.36 -28.69
CA THR C 75 28.74 15.78 -28.98
C THR C 75 28.79 15.96 -30.47
N ILE C 76 29.59 15.11 -31.12
CA ILE C 76 29.65 15.11 -32.58
C ILE C 76 28.31 14.77 -33.23
N GLU C 77 27.71 13.67 -32.81
CA GLU C 77 26.36 13.29 -33.26
C GLU C 77 25.29 14.40 -33.19
N ILE C 78 25.24 15.16 -32.09
CA ILE C 78 24.19 16.17 -31.90
C ILE C 78 24.30 17.34 -32.87
N ILE C 79 25.52 17.81 -33.08
CA ILE C 79 25.77 18.94 -33.98
C ILE C 79 25.28 18.53 -35.39
N LEU C 80 25.78 17.39 -35.84
CA LEU C 80 25.39 16.76 -37.12
C LEU C 80 23.87 16.63 -37.29
N ARG C 81 23.20 16.15 -36.24
CA ARG C 81 21.75 15.91 -36.21
C ARG C 81 20.94 17.19 -36.37
N ILE C 82 21.53 18.31 -35.96
CA ILE C 82 20.87 19.60 -36.05
C ILE C 82 20.83 20.20 -37.45
N TYR C 83 21.83 19.92 -38.28
CA TYR C 83 21.81 20.33 -39.70
C TYR C 83 20.71 19.63 -40.51
N VAL C 84 20.62 18.31 -40.35
CA VAL C 84 19.67 17.46 -41.07
C VAL C 84 18.23 17.73 -40.63
N HIS C 85 18.00 17.81 -39.33
CA HIS C 85 16.64 17.94 -38.80
C HIS C 85 16.19 19.39 -38.64
N ARG C 86 17.14 20.32 -38.70
CA ARG C 86 16.88 21.78 -38.65
C ARG C 86 16.09 22.27 -37.42
N ILE C 87 15.12 23.16 -37.63
CA ILE C 87 14.42 23.83 -36.55
C ILE C 87 13.57 22.78 -35.87
N SER C 88 13.28 21.70 -36.60
CA SER C 88 12.41 20.66 -36.07
C SER C 88 13.13 19.74 -35.07
N PHE C 89 14.46 19.83 -34.98
CA PHE C 89 15.26 19.12 -33.96
C PHE C 89 14.83 19.54 -32.57
N PHE C 90 14.68 20.85 -32.42
CA PHE C 90 14.40 21.48 -31.14
C PHE C 90 12.89 21.54 -30.90
N LYS C 91 12.13 20.92 -31.80
CA LYS C 91 10.71 20.74 -31.58
C LYS C 91 10.43 19.27 -31.27
N ASP C 92 11.51 18.49 -31.16
CA ASP C 92 11.42 17.07 -30.75
C ASP C 92 11.82 16.86 -29.28
N PRO C 93 10.86 16.52 -28.43
CA PRO C 93 11.10 16.31 -26.99
C PRO C 93 12.16 15.23 -26.69
N TRP C 94 12.22 14.20 -27.52
CA TRP C 94 13.18 13.11 -27.36
C TRP C 94 14.60 13.56 -27.64
N SER C 95 14.71 14.52 -28.54
CA SER C 95 15.98 15.03 -29.02
C SER C 95 16.50 16.09 -28.06
N LEU C 96 15.59 16.93 -27.58
CA LEU C 96 15.87 17.89 -26.53
C LEU C 96 16.52 17.20 -25.29
N PHE C 97 15.98 16.08 -24.83
CA PHE C 97 16.60 15.35 -23.71
C PHE C 97 18.04 14.98 -24.04
N ASP C 98 18.24 14.46 -25.25
CA ASP C 98 19.56 14.09 -25.76
C ASP C 98 20.47 15.28 -25.65
N PHE C 99 19.97 16.43 -26.07
CA PHE C 99 20.76 17.64 -26.01
C PHE C 99 21.23 17.94 -24.61
N PHE C 100 20.29 18.20 -23.71
CA PHE C 100 20.65 18.63 -22.37
C PHE C 100 21.43 17.60 -21.55
N VAL C 101 21.20 16.31 -21.76
CA VAL C 101 21.96 15.33 -20.98
C VAL C 101 23.45 15.19 -21.31
N VAL C 102 23.83 15.34 -22.58
CA VAL C 102 25.25 15.27 -22.90
C VAL C 102 25.79 16.66 -22.57
N ALA C 103 24.91 17.66 -22.68
CA ALA C 103 25.22 19.05 -22.38
C ALA C 103 25.76 19.11 -20.97
N ILE C 104 24.96 18.66 -20.01
CA ILE C 104 25.34 18.76 -18.62
C ILE C 104 26.67 18.04 -18.37
N SER C 105 27.01 17.07 -19.23
CA SER C 105 28.26 16.38 -19.02
C SER C 105 29.43 17.20 -19.59
N LEU C 106 29.08 18.26 -20.31
CA LEU C 106 30.07 19.16 -20.89
C LEU C 106 30.40 20.38 -20.01
N VAL C 107 29.47 20.78 -19.15
CA VAL C 107 29.67 21.94 -18.26
C VAL C 107 30.79 21.65 -17.25
N PRO C 108 31.66 22.65 -16.97
CA PRO C 108 32.86 22.41 -16.18
C PRO C 108 32.53 22.16 -14.70
N THR C 109 33.48 21.67 -13.91
CA THR C 109 33.19 21.22 -12.55
C THR C 109 33.04 22.32 -11.49
N SER C 110 34.07 23.13 -11.24
CA SER C 110 34.01 24.13 -10.19
C SER C 110 32.90 25.16 -10.47
N SER C 111 32.70 25.46 -11.75
CA SER C 111 31.75 26.49 -12.20
C SER C 111 30.31 26.03 -12.03
N GLY C 112 29.45 26.88 -11.46
CA GLY C 112 28.07 26.50 -11.19
C GLY C 112 27.85 25.73 -9.89
N PHE C 113 27.47 24.45 -10.01
CA PHE C 113 27.48 23.50 -8.89
C PHE C 113 28.60 22.43 -9.03
N GLU C 114 28.72 21.55 -8.02
CA GLU C 114 29.72 20.46 -7.98
C GLU C 114 29.02 19.11 -8.15
N ILE C 115 27.71 19.18 -7.90
CA ILE C 115 26.78 18.07 -7.95
C ILE C 115 26.55 17.56 -9.37
N LEU C 116 26.60 18.45 -10.37
CA LEU C 116 26.29 18.11 -11.77
C LEU C 116 27.36 17.14 -12.31
N ARG C 117 28.55 17.14 -11.72
CA ARG C 117 29.58 16.19 -12.10
C ARG C 117 29.03 14.79 -11.85
N VAL C 118 28.24 14.69 -10.80
CA VAL C 118 27.67 13.43 -10.35
C VAL C 118 26.31 13.17 -11.04
N LEU C 119 25.67 14.25 -11.47
CA LEU C 119 24.46 14.25 -12.31
C LEU C 119 24.66 13.51 -13.64
N ARG C 120 25.91 13.51 -14.10
CA ARG C 120 26.35 12.83 -15.33
C ARG C 120 25.81 11.41 -15.50
N VAL C 121 25.54 10.69 -14.43
CA VAL C 121 25.08 9.32 -14.56
C VAL C 121 23.73 9.27 -15.30
N LEU C 122 22.99 10.37 -15.28
CA LEU C 122 21.72 10.47 -16.01
C LEU C 122 21.85 10.14 -17.53
N ARG C 123 23.08 10.06 -18.04
CA ARG C 123 23.26 9.85 -19.46
C ARG C 123 23.01 8.43 -19.86
N LEU C 124 22.78 7.56 -18.90
CA LEU C 124 22.43 6.22 -19.30
C LEU C 124 20.99 6.17 -19.75
N PHE C 125 20.25 7.24 -19.47
CA PHE C 125 18.86 7.34 -19.93
C PHE C 125 18.71 7.54 -21.45
N ARG C 126 19.82 7.61 -22.17
CA ARG C 126 19.80 7.70 -23.64
C ARG C 126 19.36 6.37 -24.22
N LEU C 127 19.70 5.29 -23.54
CA LEU C 127 19.20 3.97 -23.90
C LEU C 127 17.67 3.98 -24.02
N VAL C 128 16.99 4.80 -23.23
CA VAL C 128 15.53 4.97 -23.40
C VAL C 128 15.17 5.79 -24.66
N THR C 129 15.92 6.87 -24.92
CA THR C 129 15.63 7.79 -26.03
C THR C 129 15.80 7.16 -27.41
N ALA C 130 16.58 6.07 -27.48
CA ALA C 130 17.10 5.60 -28.76
C ALA C 130 16.55 4.23 -29.12
N VAL C 131 15.93 3.56 -28.15
CA VAL C 131 15.24 2.31 -28.44
C VAL C 131 13.75 2.63 -28.57
N PRO C 132 13.17 2.43 -29.76
CA PRO C 132 11.76 2.76 -30.03
C PRO C 132 10.80 2.09 -29.08
N GLN C 133 11.12 0.87 -28.67
CA GLN C 133 10.30 0.14 -27.71
C GLN C 133 10.24 0.80 -26.33
N MET C 134 11.39 1.26 -25.82
CA MET C 134 11.40 1.94 -24.52
C MET C 134 10.64 3.26 -24.51
N ARG C 135 10.89 4.08 -25.53
CA ARG C 135 10.27 5.39 -25.65
C ARG C 135 8.73 5.36 -25.73
N LYS C 136 8.16 4.28 -26.27
CA LYS C 136 6.71 4.19 -26.49
C LYS C 136 6.06 3.85 -25.17
N ILE C 137 6.68 2.97 -24.39
CA ILE C 137 6.21 2.74 -23.01
C ILE C 137 6.22 4.06 -22.24
N VAL C 138 7.33 4.79 -22.33
CA VAL C 138 7.51 6.04 -21.63
C VAL C 138 6.42 6.99 -22.12
N SER C 139 6.28 7.08 -23.44
CA SER C 139 5.24 7.88 -24.08
C SER C 139 3.85 7.53 -23.57
N ALA C 140 3.56 6.22 -23.56
CA ALA C 140 2.29 5.74 -23.04
C ALA C 140 2.15 6.18 -21.62
N LEU C 141 3.24 6.02 -20.86
CA LEU C 141 3.28 6.45 -19.47
C LEU C 141 3.04 7.95 -19.33
N ILE C 142 3.79 8.74 -20.11
CA ILE C 142 3.63 10.18 -20.12
C ILE C 142 2.19 10.53 -20.50
N SER C 143 1.62 9.74 -21.41
CA SER C 143 0.29 10.03 -21.97
C SER C 143 -0.95 9.96 -21.06
N VAL C 144 -0.86 9.25 -19.93
CA VAL C 144 -1.93 9.26 -18.90
C VAL C 144 -1.92 10.63 -18.18
N ILE C 145 -0.76 11.29 -18.22
CA ILE C 145 -0.47 12.46 -17.39
C ILE C 145 -1.24 13.67 -17.85
N PRO C 146 -1.32 13.93 -19.16
CA PRO C 146 -2.04 15.14 -19.52
C PRO C 146 -3.43 15.12 -18.88
N GLY C 147 -3.99 13.92 -18.72
CA GLY C 147 -5.27 13.75 -18.03
C GLY C 147 -5.08 13.90 -16.52
N MET C 148 -3.89 13.59 -16.01
CA MET C 148 -3.67 13.63 -14.55
C MET C 148 -3.48 15.06 -14.07
N LEU C 149 -3.06 15.93 -15.01
CA LEU C 149 -2.70 17.31 -14.71
C LEU C 149 -3.81 18.02 -13.93
N SER C 150 -4.97 17.39 -13.85
CA SER C 150 -6.06 17.95 -13.09
C SER C 150 -5.93 17.44 -11.70
N VAL C 151 -5.76 16.13 -11.58
CA VAL C 151 -5.49 15.51 -10.29
C VAL C 151 -4.17 15.96 -9.62
N ILE C 152 -3.11 16.17 -10.39
CA ILE C 152 -1.90 16.70 -9.82
C ILE C 152 -2.15 18.09 -9.28
N ALA C 153 -2.66 18.94 -10.14
CA ALA C 153 -3.02 20.27 -9.73
C ALA C 153 -3.93 20.32 -8.52
N LEU C 154 -4.97 19.51 -8.56
CA LEU C 154 -5.93 19.48 -7.47
C LEU C 154 -5.28 19.04 -6.14
N MET C 155 -4.47 17.99 -6.22
CA MET C 155 -3.83 17.40 -5.03
C MET C 155 -2.71 18.31 -4.49
N THR C 156 -1.92 18.89 -5.38
CA THR C 156 -0.94 19.90 -5.01
C THR C 156 -1.65 21.07 -4.32
N LEU C 157 -2.77 21.52 -4.84
CA LEU C 157 -3.48 22.61 -4.17
C LEU C 157 -3.97 22.20 -2.78
N PHE C 158 -4.49 20.99 -2.65
CA PHE C 158 -4.98 20.45 -1.36
C PHE C 158 -3.88 20.31 -0.27
N PHE C 159 -2.74 19.76 -0.68
CA PHE C 159 -1.55 19.61 0.13
C PHE C 159 -1.05 20.95 0.63
N TYR C 160 -1.07 21.90 -0.25
CA TYR C 160 -0.61 23.24 0.06
C TYR C 160 -1.43 23.87 1.15
N ILE C 161 -2.73 23.69 1.00
CA ILE C 161 -3.70 24.22 1.96
C ILE C 161 -3.60 23.59 3.37
N PHE C 162 -3.37 22.28 3.46
CA PHE C 162 -3.32 21.60 4.75
C PHE C 162 -1.94 21.91 5.32
N ALA C 163 -0.93 22.07 4.46
CA ALA C 163 0.44 22.36 4.95
C ALA C 163 0.52 23.71 5.59
N ILE C 164 -0.20 24.68 5.06
CA ILE C 164 -0.24 25.94 5.72
C ILE C 164 -0.92 25.74 7.08
N MET C 165 -2.06 25.07 7.13
CA MET C 165 -2.73 24.86 8.43
C MET C 165 -1.81 24.13 9.43
N ALA C 166 -1.04 23.19 8.94
CA ALA C 166 -0.24 22.39 9.84
C ALA C 166 0.94 23.18 10.41
N THR C 167 1.67 23.90 9.56
CA THR C 167 2.70 24.75 10.12
C THR C 167 2.21 25.68 11.23
N GLN C 168 1.12 26.40 11.05
CA GLN C 168 0.64 27.34 12.09
C GLN C 168 0.08 26.66 13.34
N LEU C 169 -0.56 25.53 13.12
CA LEU C 169 -1.09 24.71 14.20
C LEU C 169 0.00 24.09 15.05
N PHE C 170 1.08 23.67 14.40
CA PHE C 170 1.93 22.65 14.99
C PHE C 170 3.44 22.93 15.00
N GLY C 171 3.86 23.99 14.33
CA GLY C 171 5.27 24.36 14.23
C GLY C 171 6.01 25.04 15.38
N GLU C 172 5.30 25.60 16.35
CA GLU C 172 6.02 26.23 17.45
C GLU C 172 6.55 25.19 18.41
N ARG C 173 5.81 24.09 18.56
CA ARG C 173 6.18 23.06 19.52
C ARG C 173 6.85 21.91 18.78
N PHE C 174 6.67 21.86 17.47
CA PHE C 174 7.32 20.84 16.64
C PHE C 174 7.96 21.40 15.38
N PRO C 175 8.97 22.28 15.58
CA PRO C 175 9.65 22.95 14.47
C PRO C 175 10.33 21.97 13.50
N GLU C 176 10.82 20.86 14.01
CA GLU C 176 11.44 19.83 13.17
C GLU C 176 10.45 19.35 12.09
N TRP C 177 9.21 19.18 12.51
CA TRP C 177 8.19 18.61 11.65
C TRP C 177 7.28 19.53 10.77
N PHE C 178 7.01 20.72 11.31
CA PHE C 178 5.97 21.64 10.86
C PHE C 178 6.37 23.06 11.11
N GLY C 179 7.63 23.27 11.37
CA GLY C 179 8.04 24.59 11.82
C GLY C 179 7.99 25.60 10.71
N THR C 180 7.88 25.04 9.50
CA THR C 180 8.12 25.67 8.21
C THR C 180 7.21 24.98 7.17
N LEU C 181 6.83 25.75 6.15
CA LEU C 181 6.02 25.25 5.02
C LEU C 181 6.55 23.99 4.30
N GLY C 182 7.84 24.02 3.95
CA GLY C 182 8.49 22.88 3.31
C GLY C 182 8.36 21.69 4.23
N GLU C 183 8.72 21.90 5.49
CA GLU C 183 8.66 20.79 6.42
C GLU C 183 7.23 20.34 6.53
N SER C 184 6.33 21.31 6.49
CA SER C 184 4.93 20.96 6.56
C SER C 184 4.53 20.11 5.34
N PHE C 185 5.05 20.47 4.16
CA PHE C 185 4.78 19.68 2.97
C PHE C 185 5.33 18.27 3.10
N TYR C 186 6.59 18.24 3.54
CA TYR C 186 7.32 16.98 3.68
C TYR C 186 6.63 16.00 4.58
N THR C 187 6.19 16.47 5.73
CA THR C 187 5.57 15.54 6.64
C THR C 187 4.24 15.05 5.99
N LEU C 188 3.55 15.98 5.32
CA LEU C 188 2.28 15.68 4.70
C LEU C 188 2.43 14.72 3.51
N PHE C 189 3.52 14.84 2.74
CA PHE C 189 3.79 13.80 1.77
C PHE C 189 4.00 12.44 2.43
N GLN C 190 4.78 12.44 3.52
CA GLN C 190 5.04 11.24 4.32
C GLN C 190 3.77 10.57 4.89
N VAL C 191 2.87 11.34 5.43
CA VAL C 191 1.69 10.74 6.03
C VAL C 191 0.95 10.07 4.79
N MET C 192 0.89 10.83 3.71
CA MET C 192 0.34 10.32 2.47
C MET C 192 1.00 8.98 2.08
N THR C 193 2.31 8.83 2.20
CA THR C 193 2.78 7.50 1.86
C THR C 193 2.47 6.49 3.04
N LEU C 194 1.73 6.94 4.05
CA LEU C 194 1.42 6.17 5.30
C LEU C 194 2.63 5.61 6.01
N ASP C 195 3.76 6.30 5.95
CA ASP C 195 5.05 5.80 6.46
C ASP C 195 5.24 6.23 7.89
N ASP C 196 5.08 5.32 8.85
CA ASP C 196 5.28 5.65 10.25
C ASP C 196 4.45 6.87 10.54
N TRP C 197 3.26 6.86 10.07
CA TRP C 197 2.57 8.11 10.13
C TRP C 197 2.03 8.39 11.54
N SER C 198 1.58 7.31 12.20
CA SER C 198 0.94 7.36 13.53
C SER C 198 1.84 7.30 14.81
N ASN C 199 2.43 6.13 15.11
CA ASN C 199 3.33 6.12 16.23
C ASN C 199 4.38 7.16 15.88
N GLY C 200 4.68 7.44 14.62
CA GLY C 200 5.85 8.25 14.47
C GLY C 200 5.64 9.75 14.36
N ILE C 201 4.45 10.22 13.98
CA ILE C 201 4.25 11.66 13.84
C ILE C 201 2.98 12.08 14.62
N VAL C 202 1.92 11.36 14.44
CA VAL C 202 0.67 11.84 14.89
C VAL C 202 0.41 11.52 16.34
N ARG C 203 0.79 10.31 16.77
CA ARG C 203 0.71 9.84 18.19
C ARG C 203 1.55 10.79 19.01
N PRO C 204 2.82 11.10 18.60
CA PRO C 204 3.55 12.10 19.34
C PRO C 204 2.86 13.43 19.38
N LEU C 205 2.44 13.93 18.23
CA LEU C 205 1.66 15.14 18.12
C LEU C 205 0.50 15.17 19.14
N MET C 206 -0.14 14.03 19.23
CA MET C 206 -1.35 13.90 19.99
C MET C 206 -1.06 14.00 21.48
N GLU C 207 0.22 13.99 21.84
CA GLU C 207 0.49 14.02 23.26
C GLU C 207 0.40 15.45 23.80
N VAL C 208 0.81 16.44 23.01
CA VAL C 208 0.45 17.86 23.21
C VAL C 208 -0.87 18.28 22.57
N TYR C 209 -1.15 17.86 21.34
CA TYR C 209 -2.38 18.30 20.69
C TYR C 209 -3.32 17.12 20.36
N PRO C 210 -4.18 16.78 21.32
CA PRO C 210 -5.09 15.63 21.22
C PRO C 210 -5.96 15.53 20.00
N TYR C 211 -6.31 16.62 19.36
CA TYR C 211 -7.30 16.52 18.27
C TYR C 211 -6.65 16.43 16.87
N ALA C 212 -5.37 16.15 16.87
CA ALA C 212 -4.59 16.07 15.68
C ALA C 212 -5.18 14.94 14.87
N TRP C 213 -5.98 14.05 15.48
CA TRP C 213 -6.53 12.97 14.66
C TRP C 213 -7.59 13.53 13.74
N VAL C 214 -8.13 14.71 14.11
CA VAL C 214 -9.12 15.38 13.27
C VAL C 214 -8.58 16.05 11.99
N PHE C 215 -7.34 16.51 12.13
CA PHE C 215 -6.46 16.93 11.05
C PHE C 215 -5.88 15.84 10.14
N PHE C 216 -5.44 14.72 10.70
CA PHE C 216 -4.68 13.78 9.92
C PHE C 216 -5.46 12.65 9.45
N ILE C 217 -6.49 12.26 10.20
CA ILE C 217 -7.26 11.13 9.74
C ILE C 217 -8.11 11.60 8.56
N PRO C 218 -8.78 12.77 8.67
CA PRO C 218 -9.40 13.26 7.41
C PRO C 218 -8.46 13.41 6.21
N PHE C 219 -7.31 14.02 6.44
CA PHE C 219 -6.28 14.19 5.43
C PHE C 219 -5.98 12.84 4.79
N ILE C 220 -5.97 11.80 5.58
CA ILE C 220 -5.57 10.51 5.07
C ILE C 220 -6.60 9.91 4.14
N PHE C 221 -7.84 9.98 4.60
CA PHE C 221 -8.99 9.59 3.80
C PHE C 221 -8.92 10.33 2.50
N VAL C 222 -8.97 11.67 2.53
CA VAL C 222 -9.00 12.44 1.29
C VAL C 222 -7.88 12.01 0.36
N VAL C 223 -6.65 12.02 0.82
CA VAL C 223 -5.54 11.74 -0.07
C VAL C 223 -5.52 10.29 -0.61
N THR C 224 -6.00 9.35 0.16
CA THR C 224 -5.92 7.98 -0.33
C THR C 224 -7.14 7.76 -1.29
N PHE C 225 -8.30 8.36 -0.98
CA PHE C 225 -9.51 8.38 -1.86
C PHE C 225 -9.32 8.95 -3.29
N VAL C 226 -8.68 10.11 -3.35
CA VAL C 226 -8.42 10.81 -4.58
C VAL C 226 -7.54 9.94 -5.44
N MET C 227 -6.64 9.24 -4.78
CA MET C 227 -5.65 8.40 -5.42
C MET C 227 -6.27 7.15 -6.03
N ILE C 228 -7.13 6.51 -5.25
CA ILE C 228 -7.77 5.28 -5.67
C ILE C 228 -8.61 5.52 -6.95
N ASN C 229 -9.41 6.56 -6.92
CA ASN C 229 -10.31 6.95 -8.00
C ASN C 229 -9.56 7.39 -9.26
N LEU C 230 -8.35 7.86 -9.08
CA LEU C 230 -7.53 8.21 -10.21
C LEU C 230 -7.18 6.99 -11.02
N VAL C 231 -6.96 5.88 -10.35
CA VAL C 231 -6.62 4.65 -11.04
C VAL C 231 -7.82 4.10 -11.82
N VAL C 232 -9.01 4.14 -11.24
CA VAL C 232 -10.23 3.65 -11.92
C VAL C 232 -10.40 4.35 -13.29
N ALA C 233 -10.31 5.68 -13.33
CA ALA C 233 -10.48 6.41 -14.59
C ALA C 233 -9.31 6.12 -15.54
N ILE C 234 -8.12 5.83 -15.01
CA ILE C 234 -7.00 5.41 -15.86
C ILE C 234 -7.42 4.10 -16.52
N ILE C 235 -7.76 3.11 -15.70
CA ILE C 235 -8.23 1.79 -16.17
C ILE C 235 -9.32 1.89 -17.26
N VAL C 236 -10.40 2.58 -16.95
CA VAL C 236 -11.56 2.61 -17.81
C VAL C 236 -11.24 3.30 -19.11
N ASP C 237 -10.58 4.45 -19.02
CA ASP C 237 -10.20 5.19 -20.21
C ASP C 237 -9.12 4.44 -20.99
N MET D 19 10.08 -55.03 -21.98
CA MET D 19 10.21 -54.27 -20.72
C MET D 19 9.60 -52.88 -20.86
N TYR D 20 9.93 -52.20 -21.96
CA TYR D 20 9.63 -50.79 -22.16
C TYR D 20 8.20 -50.41 -21.80
N LEU D 21 7.26 -51.02 -22.52
CA LEU D 21 5.86 -50.73 -22.36
C LEU D 21 5.25 -51.13 -21.00
N ARG D 22 5.77 -52.18 -20.37
CA ARG D 22 5.30 -52.58 -19.03
C ARG D 22 5.57 -51.55 -17.94
N ILE D 23 6.79 -51.02 -17.91
CA ILE D 23 7.20 -49.94 -17.00
C ILE D 23 6.39 -48.69 -17.38
N THR D 24 6.35 -48.36 -18.68
CA THR D 24 5.68 -47.16 -19.20
C THR D 24 4.22 -47.09 -18.73
N ASN D 25 3.56 -48.24 -18.56
CA ASN D 25 2.14 -48.28 -18.19
C ASN D 25 1.78 -48.14 -16.70
N ILE D 26 2.72 -48.40 -15.78
CA ILE D 26 2.54 -48.17 -14.31
C ILE D 26 2.77 -46.70 -13.89
N VAL D 27 3.82 -46.07 -14.45
CA VAL D 27 4.18 -44.68 -14.16
C VAL D 27 3.07 -43.70 -14.55
N GLU D 28 2.43 -43.95 -15.69
CA GLU D 28 1.39 -43.07 -16.23
C GLU D 28 0.05 -43.27 -15.56
N SER D 29 0.00 -44.18 -14.59
CA SER D 29 -1.25 -44.60 -13.98
C SER D 29 -1.71 -43.62 -12.92
N SER D 30 -3.00 -43.67 -12.59
CA SER D 30 -3.56 -42.85 -11.53
C SER D 30 -3.07 -43.31 -10.16
N PHE D 31 -2.63 -44.57 -10.07
CA PHE D 31 -2.10 -45.12 -8.81
C PHE D 31 -0.71 -44.62 -8.46
N PHE D 32 0.17 -44.56 -9.47
CA PHE D 32 1.55 -44.16 -9.25
C PHE D 32 1.59 -42.78 -8.63
N THR D 33 1.08 -41.83 -9.38
CA THR D 33 1.12 -40.43 -9.00
C THR D 33 0.35 -40.08 -7.73
N LYS D 34 -0.76 -40.76 -7.49
CA LYS D 34 -1.52 -40.54 -6.26
C LYS D 34 -0.68 -40.96 -5.08
N PHE D 35 0.05 -42.06 -5.27
CA PHE D 35 0.92 -42.60 -4.23
C PHE D 35 2.04 -41.58 -3.97
N ILE D 36 2.61 -41.00 -5.02
CA ILE D 36 3.72 -40.02 -4.84
C ILE D 36 3.21 -38.77 -4.12
N ILE D 37 2.05 -38.26 -4.56
CA ILE D 37 1.39 -37.11 -3.93
C ILE D 37 1.19 -37.40 -2.44
N TYR D 38 0.61 -38.57 -2.16
CA TYR D 38 0.40 -39.04 -0.80
C TYR D 38 1.69 -39.02 0.01
N LEU D 39 2.79 -39.44 -0.61
CA LEU D 39 4.12 -39.44 0.01
C LEU D 39 4.65 -38.01 0.29
N ILE D 40 4.45 -37.12 -0.68
CA ILE D 40 4.87 -35.73 -0.62
C ILE D 40 4.19 -35.01 0.53
N VAL D 41 2.90 -35.26 0.71
CA VAL D 41 2.16 -34.61 1.77
C VAL D 41 2.73 -35.09 3.10
N LEU D 42 3.12 -36.36 3.20
CA LEU D 42 3.71 -36.79 4.46
C LEU D 42 5.08 -36.14 4.71
N ASN D 43 5.98 -36.17 3.71
CA ASN D 43 7.29 -35.55 3.87
C ASN D 43 7.18 -34.06 4.17
N GLY D 44 6.07 -33.46 3.77
CA GLY D 44 5.91 -32.04 4.06
C GLY D 44 5.45 -31.91 5.50
N ILE D 45 4.55 -32.80 5.90
CA ILE D 45 4.11 -32.85 7.27
C ILE D 45 5.28 -33.27 8.13
N THR D 46 6.13 -34.13 7.58
CA THR D 46 7.23 -34.65 8.37
C THR D 46 8.34 -33.60 8.69
N MET D 47 8.57 -32.65 7.78
CA MET D 47 9.61 -31.63 7.92
C MET D 47 9.20 -30.51 8.85
N GLY D 48 7.90 -30.32 9.00
CA GLY D 48 7.39 -29.36 9.94
C GLY D 48 7.60 -29.88 11.35
N LEU D 49 7.54 -31.20 11.54
CA LEU D 49 7.75 -31.80 12.87
C LEU D 49 9.21 -31.73 13.23
N GLU D 50 10.05 -31.75 12.20
CA GLU D 50 11.51 -31.64 12.36
C GLU D 50 11.87 -30.22 12.78
N THR D 51 10.83 -29.43 13.08
CA THR D 51 10.98 -28.05 13.45
C THR D 51 11.07 -28.03 14.97
N SER D 52 10.48 -29.07 15.55
CA SER D 52 10.48 -29.28 16.99
C SER D 52 11.56 -30.21 17.46
N LYS D 53 12.60 -29.60 18.03
CA LYS D 53 13.65 -30.39 18.64
C LYS D 53 13.03 -31.34 19.66
N THR D 54 11.94 -30.91 20.31
CA THR D 54 11.14 -31.82 21.14
C THR D 54 10.80 -33.08 20.38
N PHE D 55 10.17 -32.93 19.21
CA PHE D 55 9.86 -34.07 18.37
C PHE D 55 11.13 -34.84 18.03
N MET D 56 12.23 -34.14 17.77
CA MET D 56 13.43 -34.84 17.30
C MET D 56 14.13 -35.75 18.31
N GLN D 57 14.05 -35.37 19.60
CA GLN D 57 14.72 -36.19 20.64
C GLN D 57 13.80 -37.33 21.02
N SER D 58 12.55 -37.29 20.57
CA SER D 58 11.56 -38.31 20.96
C SER D 58 11.06 -39.21 19.84
N PHE D 59 11.32 -38.82 18.59
CA PHE D 59 10.85 -39.54 17.42
C PHE D 59 11.81 -39.34 16.23
N GLY D 60 12.90 -38.61 16.46
CA GLY D 60 13.83 -38.28 15.37
C GLY D 60 14.33 -39.45 14.54
N VAL D 61 14.43 -40.62 15.14
CA VAL D 61 14.93 -41.81 14.44
C VAL D 61 13.86 -42.31 13.46
N TYR D 62 12.59 -42.16 13.84
CA TYR D 62 11.45 -42.48 12.97
C TYR D 62 11.45 -41.59 11.70
N THR D 63 11.80 -40.32 11.88
CA THR D 63 11.72 -39.34 10.80
C THR D 63 13.02 -39.19 10.03
N THR D 64 14.12 -39.65 10.59
CA THR D 64 15.37 -39.51 9.85
C THR D 64 15.50 -40.52 8.70
N LEU D 65 14.80 -41.64 8.79
CA LEU D 65 14.83 -42.63 7.71
C LEU D 65 13.57 -42.65 6.87
N PHE D 66 12.46 -42.19 7.44
CA PHE D 66 11.25 -41.98 6.66
C PHE D 66 11.64 -41.07 5.52
N ASN D 67 12.38 -40.03 5.89
CA ASN D 67 13.03 -39.14 4.96
C ASN D 67 13.85 -39.98 3.97
N GLN D 68 14.75 -40.79 4.51
CA GLN D 68 15.74 -41.49 3.72
C GLN D 68 15.15 -42.44 2.67
N ILE D 69 14.00 -43.04 2.97
CA ILE D 69 13.39 -43.94 1.99
C ILE D 69 12.49 -43.18 1.02
N VAL D 70 12.07 -41.98 1.43
CA VAL D 70 11.30 -41.16 0.53
C VAL D 70 12.21 -40.65 -0.58
N ILE D 71 13.43 -40.26 -0.25
CA ILE D 71 14.34 -39.79 -1.31
C ILE D 71 14.73 -41.00 -2.15
N THR D 72 14.65 -42.18 -1.56
CA THR D 72 14.91 -43.38 -2.31
C THR D 72 13.80 -43.60 -3.31
N ILE D 73 12.57 -43.56 -2.82
CA ILE D 73 11.43 -43.73 -3.68
C ILE D 73 11.36 -42.70 -4.79
N PHE D 74 11.62 -41.45 -4.45
CA PHE D 74 11.62 -40.39 -5.44
C PHE D 74 12.75 -40.56 -6.46
N THR D 75 13.89 -41.09 -6.04
CA THR D 75 15.00 -41.28 -7.00
C THR D 75 14.54 -42.32 -8.00
N ILE D 76 13.95 -43.38 -7.49
CA ILE D 76 13.42 -44.45 -8.34
C ILE D 76 12.31 -43.96 -9.25
N GLU D 77 11.30 -43.31 -8.67
CA GLU D 77 10.20 -42.72 -9.45
C GLU D 77 10.74 -41.87 -10.60
N ILE D 78 11.74 -41.06 -10.27
CA ILE D 78 12.35 -40.17 -11.25
C ILE D 78 12.98 -41.00 -12.37
N ILE D 79 13.66 -42.08 -11.99
CA ILE D 79 14.35 -42.95 -12.94
C ILE D 79 13.38 -43.57 -13.93
N LEU D 80 12.29 -44.14 -13.44
CA LEU D 80 11.25 -44.73 -14.28
C LEU D 80 10.70 -43.71 -15.28
N ARG D 81 10.33 -42.54 -14.76
CA ARG D 81 9.77 -41.45 -15.55
C ARG D 81 10.70 -40.97 -16.68
N ILE D 82 12.01 -41.12 -16.45
CA ILE D 82 13.05 -40.81 -17.46
C ILE D 82 13.02 -41.80 -18.60
N TYR D 83 12.81 -43.07 -18.27
CA TYR D 83 12.70 -44.11 -19.28
C TYR D 83 11.48 -43.92 -20.19
N VAL D 84 10.33 -43.67 -19.56
CA VAL D 84 9.09 -43.42 -20.28
C VAL D 84 9.13 -42.18 -21.20
N HIS D 85 9.88 -41.14 -20.82
CA HIS D 85 9.88 -39.91 -21.61
C HIS D 85 11.23 -39.65 -22.30
N ARG D 86 12.26 -40.37 -21.90
CA ARG D 86 13.61 -40.24 -22.47
C ARG D 86 14.01 -38.78 -22.60
N ILE D 87 14.61 -38.40 -23.73
CA ILE D 87 15.16 -37.05 -23.87
C ILE D 87 14.07 -35.98 -23.72
N SER D 88 12.81 -36.36 -23.90
CA SER D 88 11.69 -35.41 -23.81
C SER D 88 11.38 -35.06 -22.34
N PHE D 89 11.96 -35.81 -21.40
CA PHE D 89 11.85 -35.58 -19.95
C PHE D 89 12.56 -34.29 -19.60
N PHE D 90 13.76 -34.12 -20.16
CA PHE D 90 14.59 -32.96 -19.89
C PHE D 90 14.17 -31.77 -20.73
N LYS D 91 13.03 -31.88 -21.39
CA LYS D 91 12.45 -30.70 -22.03
C LYS D 91 11.16 -30.25 -21.32
N ASP D 92 10.85 -30.90 -20.19
CA ASP D 92 9.66 -30.58 -19.37
C ASP D 92 10.09 -29.74 -18.16
N PRO D 93 9.59 -28.50 -18.09
CA PRO D 93 9.95 -27.60 -16.98
C PRO D 93 9.62 -28.16 -15.61
N TRP D 94 8.49 -28.82 -15.45
CA TRP D 94 8.10 -29.30 -14.13
C TRP D 94 9.01 -30.45 -13.69
N SER D 95 9.45 -31.24 -14.66
CA SER D 95 10.23 -32.44 -14.36
C SER D 95 11.72 -32.15 -14.16
N LEU D 96 12.25 -31.29 -15.02
CA LEU D 96 13.60 -30.80 -14.87
C LEU D 96 13.63 -30.27 -13.45
N PHE D 97 12.57 -29.56 -13.05
CA PHE D 97 12.46 -29.03 -11.70
C PHE D 97 12.49 -30.22 -10.76
N ASP D 98 11.61 -31.20 -10.99
CA ASP D 98 11.61 -32.43 -10.19
C ASP D 98 12.98 -33.11 -10.13
N PHE D 99 13.66 -33.20 -11.27
CA PHE D 99 15.00 -33.78 -11.30
C PHE D 99 15.94 -33.08 -10.31
N PHE D 100 16.14 -31.78 -10.49
CA PHE D 100 17.12 -31.02 -9.71
C PHE D 100 16.69 -30.88 -8.27
N VAL D 101 15.39 -30.69 -8.06
CA VAL D 101 14.88 -30.49 -6.71
C VAL D 101 15.01 -31.75 -5.84
N VAL D 102 15.19 -32.89 -6.49
CA VAL D 102 15.41 -34.13 -5.77
C VAL D 102 16.93 -34.34 -5.73
N ALA D 103 17.56 -34.10 -6.88
CA ALA D 103 19.01 -34.23 -7.08
C ALA D 103 19.78 -33.53 -6.02
N ILE D 104 19.32 -32.31 -5.75
CA ILE D 104 19.88 -31.46 -4.72
C ILE D 104 19.90 -32.23 -3.38
N SER D 105 18.79 -32.86 -2.99
CA SER D 105 18.76 -33.59 -1.74
C SER D 105 19.71 -34.79 -1.67
N LEU D 106 20.33 -35.13 -2.80
CA LEU D 106 21.26 -36.25 -2.85
C LEU D 106 22.76 -35.88 -2.69
N VAL D 107 23.10 -34.63 -2.99
CA VAL D 107 24.44 -34.08 -2.75
C VAL D 107 24.79 -34.13 -1.27
N PRO D 108 25.95 -34.71 -0.97
CA PRO D 108 26.33 -34.98 0.40
C PRO D 108 26.44 -33.71 1.21
N THR D 109 25.87 -33.73 2.40
CA THR D 109 25.81 -32.57 3.25
C THR D 109 27.20 -32.11 3.72
N SER D 110 28.03 -33.07 4.12
CA SER D 110 29.30 -32.76 4.81
C SER D 110 30.40 -32.26 3.89
N SER D 111 31.44 -31.68 4.48
CA SER D 111 32.58 -31.25 3.72
C SER D 111 32.32 -30.00 2.90
N GLY D 112 32.00 -30.17 1.62
CA GLY D 112 32.00 -29.06 0.69
C GLY D 112 31.07 -27.90 1.00
N PHE D 113 29.83 -28.18 1.40
CA PHE D 113 28.94 -27.11 1.84
C PHE D 113 27.68 -27.55 2.57
N GLU D 114 27.26 -26.78 3.57
CA GLU D 114 26.21 -27.23 4.47
C GLU D 114 24.88 -26.49 4.26
N ILE D 115 24.89 -25.56 3.33
CA ILE D 115 23.67 -24.84 2.90
C ILE D 115 22.76 -25.79 2.13
N LEU D 116 23.42 -26.70 1.43
CA LEU D 116 22.78 -27.68 0.57
C LEU D 116 21.76 -28.54 1.30
N ARG D 117 21.95 -28.73 2.61
CA ARG D 117 20.98 -29.44 3.44
C ARG D 117 19.59 -28.79 3.54
N VAL D 118 19.58 -27.46 3.58
CA VAL D 118 18.33 -26.71 3.64
C VAL D 118 17.65 -26.53 2.26
N LEU D 119 18.45 -26.42 1.20
CA LEU D 119 17.88 -26.33 -0.13
C LEU D 119 17.11 -27.58 -0.52
N ARG D 120 17.35 -28.65 0.24
CA ARG D 120 16.63 -29.91 0.09
C ARG D 120 15.11 -29.82 0.37
N VAL D 121 14.69 -28.83 1.17
CA VAL D 121 13.27 -28.71 1.57
C VAL D 121 12.39 -28.28 0.37
N LEU D 122 13.02 -27.70 -0.65
CA LEU D 122 12.34 -27.29 -1.88
C LEU D 122 11.56 -28.41 -2.59
N ARG D 123 11.87 -29.65 -2.23
CA ARG D 123 11.18 -30.77 -2.84
C ARG D 123 9.68 -30.78 -2.49
N LEU D 124 9.27 -30.03 -1.48
CA LEU D 124 7.87 -29.99 -1.08
C LEU D 124 7.06 -29.18 -2.11
N PHE D 125 7.76 -28.50 -2.98
CA PHE D 125 7.13 -27.76 -4.06
C PHE D 125 6.57 -28.65 -5.15
N ARG D 126 6.84 -29.95 -5.06
CA ARG D 126 6.29 -30.98 -5.97
C ARG D 126 4.76 -31.18 -5.90
N LEU D 127 4.17 -30.77 -4.78
CA LEU D 127 2.73 -30.75 -4.59
C LEU D 127 2.15 -29.91 -5.68
N VAL D 128 2.87 -28.86 -6.02
CA VAL D 128 2.46 -28.03 -7.12
C VAL D 128 2.64 -28.82 -8.42
N THR D 129 3.83 -29.41 -8.60
CA THR D 129 4.13 -30.13 -9.83
C THR D 129 3.10 -31.19 -10.14
N ALA D 130 2.63 -31.88 -9.11
CA ALA D 130 1.87 -33.11 -9.28
C ALA D 130 0.36 -32.90 -9.17
N VAL D 131 -0.09 -31.68 -8.88
CA VAL D 131 -1.52 -31.40 -8.82
C VAL D 131 -1.91 -30.40 -9.92
N PRO D 132 -2.83 -30.79 -10.82
CA PRO D 132 -3.06 -29.96 -12.01
C PRO D 132 -3.76 -28.62 -11.73
N GLN D 133 -4.49 -28.51 -10.62
CA GLN D 133 -5.08 -27.23 -10.26
C GLN D 133 -3.95 -26.27 -9.92
N MET D 134 -2.96 -26.77 -9.19
CA MET D 134 -1.75 -26.03 -8.81
C MET D 134 -0.98 -25.65 -10.06
N ARG D 135 -0.78 -26.63 -10.95
CA ARG D 135 -0.16 -26.39 -12.26
C ARG D 135 -0.87 -25.28 -13.05
N LYS D 136 -2.20 -25.28 -12.97
CA LYS D 136 -3.05 -24.31 -13.66
C LYS D 136 -2.73 -22.89 -13.16
N ILE D 137 -2.84 -22.70 -11.84
CA ILE D 137 -2.52 -21.44 -11.12
C ILE D 137 -1.12 -20.86 -11.47
N VAL D 138 -0.08 -21.68 -11.27
CA VAL D 138 1.32 -21.24 -11.46
C VAL D 138 1.60 -20.77 -12.88
N SER D 139 1.24 -21.62 -13.82
CA SER D 139 1.38 -21.35 -15.25
C SER D 139 0.63 -20.05 -15.62
N ALA D 140 -0.58 -19.89 -15.10
CA ALA D 140 -1.33 -18.65 -15.25
C ALA D 140 -0.51 -17.47 -14.75
N LEU D 141 0.05 -17.58 -13.53
CA LEU D 141 0.96 -16.57 -12.99
C LEU D 141 2.17 -16.26 -13.89
N ILE D 142 2.92 -17.29 -14.26
CA ILE D 142 4.07 -17.09 -15.13
C ILE D 142 3.63 -16.36 -16.41
N SER D 143 2.38 -16.62 -16.81
CA SER D 143 1.84 -16.19 -18.10
C SER D 143 1.74 -14.66 -18.25
N VAL D 144 1.67 -13.98 -17.11
CA VAL D 144 1.54 -12.55 -17.15
C VAL D 144 2.94 -11.92 -17.22
N ILE D 145 3.99 -12.72 -17.00
CA ILE D 145 5.33 -12.14 -16.88
C ILE D 145 5.90 -11.67 -18.23
N PRO D 146 5.85 -12.51 -19.29
CA PRO D 146 6.40 -12.05 -20.58
C PRO D 146 5.93 -10.68 -21.07
N GLY D 147 4.65 -10.37 -20.90
CA GLY D 147 4.14 -9.05 -21.27
C GLY D 147 4.53 -7.91 -20.34
N MET D 148 5.14 -8.25 -19.21
CA MET D 148 5.63 -7.26 -18.23
C MET D 148 7.12 -6.91 -18.39
N LEU D 149 7.89 -7.78 -19.04
CA LEU D 149 9.36 -7.66 -19.12
C LEU D 149 9.89 -6.28 -19.52
N SER D 150 9.27 -5.66 -20.50
CA SER D 150 9.73 -4.35 -20.95
C SER D 150 9.73 -3.30 -19.83
N VAL D 151 8.68 -3.28 -19.02
CA VAL D 151 8.63 -2.34 -17.90
C VAL D 151 9.66 -2.75 -16.83
N ILE D 152 9.77 -4.04 -16.54
CA ILE D 152 10.90 -4.58 -15.77
C ILE D 152 12.20 -3.99 -16.30
N ALA D 153 12.40 -4.02 -17.61
CA ALA D 153 13.59 -3.41 -18.15
C ALA D 153 13.71 -1.91 -17.82
N LEU D 154 12.69 -1.10 -18.11
CA LEU D 154 12.77 0.35 -17.82
C LEU D 154 13.00 0.72 -16.36
N MET D 155 12.22 0.08 -15.50
CA MET D 155 12.28 0.29 -14.07
C MET D 155 13.64 -0.13 -13.55
N THR D 156 14.10 -1.29 -13.99
CA THR D 156 15.36 -1.83 -13.55
C THR D 156 16.42 -0.94 -14.06
N LEU D 157 16.20 -0.41 -15.26
CA LEU D 157 17.17 0.53 -15.75
C LEU D 157 17.17 1.81 -14.89
N PHE D 158 15.99 2.24 -14.43
CA PHE D 158 15.88 3.45 -13.54
C PHE D 158 16.56 3.23 -12.19
N PHE D 159 16.30 2.06 -11.63
CA PHE D 159 16.89 1.67 -10.38
C PHE D 159 18.38 1.64 -10.60
N TYR D 160 18.78 1.17 -11.77
CA TYR D 160 20.19 0.98 -11.92
C TYR D 160 20.80 2.37 -11.98
N ILE D 161 20.13 3.33 -12.63
CA ILE D 161 20.71 4.68 -12.67
C ILE D 161 20.76 5.39 -11.31
N PHE D 162 19.70 5.29 -10.55
CA PHE D 162 19.65 5.99 -9.26
C PHE D 162 20.51 5.30 -8.21
N ALA D 163 20.64 3.98 -8.31
CA ALA D 163 21.50 3.23 -7.42
C ALA D 163 22.94 3.66 -7.65
N ILE D 164 23.26 4.01 -8.88
CA ILE D 164 24.60 4.49 -9.05
C ILE D 164 24.78 5.81 -8.30
N MET D 165 23.84 6.74 -8.51
CA MET D 165 23.80 8.08 -7.92
C MET D 165 23.76 8.11 -6.37
N ALA D 166 22.89 7.28 -5.79
CA ALA D 166 22.75 7.32 -4.36
C ALA D 166 24.10 6.93 -3.77
N THR D 167 24.79 5.98 -4.37
CA THR D 167 26.07 5.60 -3.82
C THR D 167 27.14 6.69 -3.89
N GLN D 168 27.22 7.44 -4.95
CA GLN D 168 28.26 8.45 -4.98
C GLN D 168 27.88 9.66 -4.11
N LEU D 169 26.59 9.89 -3.99
CA LEU D 169 26.08 11.09 -3.33
C LEU D 169 25.97 10.90 -1.80
N PHE D 170 25.67 9.72 -1.31
CA PHE D 170 25.31 9.57 0.08
C PHE D 170 26.14 8.48 0.71
N GLY D 171 26.93 7.80 -0.11
CA GLY D 171 27.73 6.67 0.32
C GLY D 171 28.93 6.99 1.18
N GLU D 172 29.42 8.24 1.16
CA GLU D 172 30.63 8.59 1.96
C GLU D 172 30.33 8.69 3.45
N ARG D 173 29.26 9.43 3.75
CA ARG D 173 28.82 9.77 5.09
C ARG D 173 27.79 8.77 5.51
N PHE D 174 27.23 8.03 4.57
CA PHE D 174 26.29 7.03 5.00
C PHE D 174 26.48 5.64 4.42
N PRO D 175 27.62 4.96 4.70
CA PRO D 175 27.93 3.63 4.15
C PRO D 175 26.92 2.49 4.43
N GLU D 176 26.28 2.47 5.60
CA GLU D 176 25.36 1.38 5.98
C GLU D 176 24.30 1.27 4.93
N TRP D 177 23.82 2.42 4.50
CA TRP D 177 22.72 2.47 3.56
C TRP D 177 23.17 2.55 2.06
N PHE D 178 24.35 3.11 1.81
CA PHE D 178 24.73 3.46 0.46
C PHE D 178 26.20 3.22 0.12
N GLY D 179 26.91 2.48 0.97
CA GLY D 179 28.35 2.32 0.79
C GLY D 179 28.68 1.70 -0.57
N THR D 180 27.73 0.92 -1.07
CA THR D 180 27.90 -0.01 -2.17
C THR D 180 26.61 0.03 -2.92
N LEU D 181 26.74 -0.21 -4.22
CA LEU D 181 25.63 -0.20 -5.13
C LEU D 181 24.53 -1.09 -4.63
N GLY D 182 24.91 -2.29 -4.20
CA GLY D 182 23.92 -3.23 -3.71
C GLY D 182 23.21 -2.63 -2.54
N GLU D 183 23.96 -1.92 -1.69
CA GLU D 183 23.38 -1.15 -0.59
C GLU D 183 22.45 -0.03 -1.06
N SER D 184 22.81 0.72 -2.10
CA SER D 184 21.84 1.66 -2.69
C SER D 184 20.66 1.00 -3.36
N PHE D 185 20.88 -0.19 -3.88
CA PHE D 185 19.79 -0.89 -4.51
C PHE D 185 18.77 -1.25 -3.43
N TYR D 186 19.29 -1.94 -2.41
CA TYR D 186 18.51 -2.41 -1.26
C TYR D 186 17.83 -1.25 -0.57
N THR D 187 18.58 -0.21 -0.30
CA THR D 187 17.91 0.89 0.33
C THR D 187 16.81 1.51 -0.61
N LEU D 188 17.10 1.70 -1.89
CA LEU D 188 16.10 2.23 -2.83
C LEU D 188 14.91 1.28 -2.92
N PHE D 189 15.18 -0.02 -2.94
CA PHE D 189 14.13 -1.03 -2.96
C PHE D 189 13.28 -0.82 -1.73
N GLN D 190 13.88 -0.58 -0.57
CA GLN D 190 13.06 -0.38 0.61
C GLN D 190 12.20 0.84 0.40
N VAL D 191 12.81 1.91 -0.04
CA VAL D 191 12.07 3.15 -0.20
C VAL D 191 11.00 2.80 -1.20
N MET D 192 11.39 1.98 -2.19
CA MET D 192 10.41 1.48 -3.15
C MET D 192 9.29 0.75 -2.45
N THR D 193 9.65 -0.13 -1.54
CA THR D 193 8.59 -0.79 -0.81
C THR D 193 7.94 0.18 0.16
N LEU D 194 8.45 1.41 0.11
CA LEU D 194 7.94 2.51 0.87
C LEU D 194 8.12 2.28 2.42
N ASP D 195 9.08 1.43 2.80
CA ASP D 195 9.26 0.92 4.18
C ASP D 195 10.10 1.72 5.13
N ASP D 196 9.40 2.42 6.02
CA ASP D 196 10.01 3.29 6.99
C ASP D 196 10.95 4.23 6.27
N TRP D 197 10.51 4.83 5.19
CA TRP D 197 11.44 5.62 4.36
C TRP D 197 11.75 7.03 4.93
N SER D 198 10.81 7.79 5.47
CA SER D 198 11.12 9.13 5.98
C SER D 198 11.84 9.21 7.40
N ASN D 199 11.16 8.79 8.46
CA ASN D 199 11.81 8.79 9.74
C ASN D 199 13.01 7.78 9.71
N GLY D 200 12.90 6.74 8.92
CA GLY D 200 13.89 5.72 8.95
C GLY D 200 15.09 5.97 8.01
N ILE D 201 14.85 6.66 6.89
CA ILE D 201 15.92 6.88 5.92
C ILE D 201 16.22 8.35 5.57
N VAL D 202 15.26 9.07 5.07
CA VAL D 202 15.62 10.29 4.45
C VAL D 202 15.82 11.44 5.39
N ARG D 203 15.10 11.42 6.50
CA ARG D 203 15.33 12.43 7.56
C ARG D 203 16.77 12.49 8.09
N PRO D 204 17.36 11.36 8.43
CA PRO D 204 18.76 11.40 8.75
C PRO D 204 19.63 11.90 7.64
N LEU D 205 19.37 11.52 6.40
CA LEU D 205 20.22 11.94 5.30
C LEU D 205 20.17 13.44 5.30
N MET D 206 18.99 13.96 5.54
CA MET D 206 18.76 15.35 5.49
C MET D 206 19.42 16.15 6.58
N GLU D 207 19.79 15.47 7.67
CA GLU D 207 20.50 16.18 8.76
C GLU D 207 21.92 16.61 8.34
N VAL D 208 22.55 15.86 7.46
CA VAL D 208 23.79 16.28 6.81
C VAL D 208 23.59 16.95 5.43
N TYR D 209 22.67 16.40 4.64
CA TYR D 209 22.44 16.89 3.27
C TYR D 209 20.99 17.35 3.16
N PRO D 210 20.72 18.63 3.44
CA PRO D 210 19.36 19.13 3.53
C PRO D 210 18.49 18.96 2.31
N TYR D 211 19.10 18.80 1.16
CA TYR D 211 18.29 18.66 -0.04
C TYR D 211 18.04 17.24 -0.55
N ALA D 212 18.41 16.25 0.24
CA ALA D 212 18.29 14.83 -0.12
C ALA D 212 16.92 14.49 -0.66
N TRP D 213 15.90 15.24 -0.26
CA TRP D 213 14.55 15.06 -0.77
C TRP D 213 14.36 15.33 -2.26
N VAL D 214 15.24 16.15 -2.84
CA VAL D 214 15.16 16.48 -4.26
C VAL D 214 15.60 15.28 -5.05
N PHE D 215 16.27 14.36 -4.38
CA PHE D 215 16.56 13.07 -4.95
C PHE D 215 15.35 12.16 -4.69
N PHE D 216 15.02 11.98 -3.43
CA PHE D 216 14.07 10.95 -3.08
C PHE D 216 12.56 11.26 -3.32
N ILE D 217 12.12 12.50 -3.29
CA ILE D 217 10.69 12.70 -3.47
C ILE D 217 10.21 12.51 -4.92
N PRO D 218 10.93 13.06 -5.91
CA PRO D 218 10.60 12.70 -7.28
C PRO D 218 10.67 11.21 -7.50
N PHE D 219 11.73 10.60 -6.99
CA PHE D 219 11.89 9.18 -7.09
C PHE D 219 10.63 8.37 -6.72
N ILE D 220 9.96 8.75 -5.64
CA ILE D 220 8.84 7.96 -5.14
C ILE D 220 7.69 8.13 -6.08
N PHE D 221 7.61 9.33 -6.63
CA PHE D 221 6.57 9.58 -7.60
C PHE D 221 6.72 8.61 -8.75
N VAL D 222 7.92 8.50 -9.32
CA VAL D 222 8.17 7.65 -10.50
C VAL D 222 7.81 6.19 -10.27
N VAL D 223 8.44 5.60 -9.26
CA VAL D 223 8.25 4.19 -8.99
C VAL D 223 6.76 3.86 -8.72
N THR D 224 6.02 4.81 -8.14
CA THR D 224 4.62 4.56 -7.79
C THR D 224 3.78 4.68 -9.07
N PHE D 225 4.11 5.68 -9.89
CA PHE D 225 3.44 5.89 -11.16
C PHE D 225 3.53 4.71 -12.11
N VAL D 226 4.73 4.21 -12.30
CA VAL D 226 4.99 3.12 -13.23
C VAL D 226 4.27 1.86 -12.81
N MET D 227 4.30 1.59 -11.52
CA MET D 227 3.71 0.42 -10.94
C MET D 227 2.22 0.39 -11.20
N ILE D 228 1.50 1.43 -10.76
CA ILE D 228 0.06 1.52 -11.01
C ILE D 228 -0.28 1.24 -12.48
N ASN D 229 0.39 1.97 -13.35
CA ASN D 229 0.09 1.88 -14.77
C ASN D 229 0.46 0.51 -15.32
N LEU D 230 1.48 -0.14 -14.75
CA LEU D 230 1.78 -1.54 -15.05
C LEU D 230 0.59 -2.43 -14.71
N VAL D 231 0.11 -2.34 -13.47
CA VAL D 231 -1.11 -3.01 -13.04
C VAL D 231 -2.30 -2.72 -13.98
N VAL D 232 -2.52 -1.43 -14.29
CA VAL D 232 -3.59 -0.98 -15.19
C VAL D 232 -3.47 -1.61 -16.58
N ALA D 233 -2.26 -1.68 -17.11
CA ALA D 233 -2.03 -2.23 -18.44
C ALA D 233 -2.44 -3.70 -18.43
N ILE D 234 -2.16 -4.36 -17.30
CA ILE D 234 -2.49 -5.77 -17.12
C ILE D 234 -4.00 -5.96 -17.22
N ILE D 235 -4.72 -5.22 -16.38
CA ILE D 235 -6.20 -5.24 -16.23
C ILE D 235 -7.05 -5.10 -17.49
N VAL D 236 -6.77 -4.11 -18.34
CA VAL D 236 -7.69 -3.82 -19.45
C VAL D 236 -7.69 -4.95 -20.46
N ASP D 237 -6.53 -5.53 -20.74
CA ASP D 237 -6.50 -6.65 -21.68
C ASP D 237 -7.13 -7.89 -21.06
CA CA E . 4.80 1.03 8.08
CA CA F . 2.62 0.48 4.58
C1 MC3 G . -12.73 9.93 20.55
C2 MC3 G . -13.36 9.73 19.17
C3 MC3 G . -12.20 9.67 18.19
C4 MC3 G . -7.57 10.92 21.33
C11 MC3 G . -10.90 8.27 16.86
C12 MC3 G . -11.45 7.89 15.48
C13 MC3 G . -10.78 8.55 14.29
C14 MC3 G . -10.63 7.63 13.06
C15 MC3 G . -11.90 6.89 12.61
C16 MC3 G . -11.58 5.47 12.09
C17 MC3 G . -12.83 4.63 11.73
C18 MC3 G . -13.81 5.31 10.74
C19 MC3 G . -13.59 4.92 9.28
O2 MC3 G . -14.16 8.56 19.11
O3 MC3 G . -11.96 8.36 17.76
O11 MC3 G . -10.26 9.52 16.86
O1P MC3 G . -10.39 9.44 22.61
O2P MC3 G . -9.54 8.75 20.39
O3P MC3 G . -11.45 10.49 20.42
O4P MC3 G . -8.94 11.13 21.13
P MC3 G . -10.08 9.90 21.18
C1 MC3 H . 0.36 -18.03 15.24
C2 MC3 H . -0.38 -18.04 13.88
C3 MC3 H . 0.10 -16.91 12.95
C4 MC3 H . 2.94 -16.87 17.46
C11 MC3 H . -0.37 -15.72 10.96
C12 MC3 H . -0.15 -16.46 9.62
C13 MC3 H . -0.99 -15.94 8.46
C14 MC3 H . -0.70 -16.60 7.11
C15 MC3 H . -1.79 -16.26 6.05
C16 MC3 H . -1.61 -16.91 4.65
C17 MC3 H . -2.71 -16.51 3.65
C18 MC3 H . -2.29 -15.47 2.62
C19 MC3 H . -3.51 -14.88 1.92
O2 MC3 H . -0.22 -19.27 13.24
O3 MC3 H . -0.89 -16.57 11.99
O11 MC3 H . -1.16 -14.55 10.76
O1P MC3 H . 3.21 -19.88 16.94
O2P MC3 H . 1.00 -20.23 17.96
O3P MC3 H . 1.06 -19.22 15.59
O4P MC3 H . 1.97 -17.83 17.85
P MC3 H . 1.82 -19.30 17.07
O1 PX6 I . -4.47 -14.80 27.82
O2 PX6 I . -5.14 -12.82 29.02
P1 PX6 I . -5.66 -14.09 28.39
O3 PX6 I . -6.15 -15.02 29.48
O4 PX6 I . -6.87 -13.64 27.28
C1 PX6 I . -6.66 -13.58 25.87
C2 PX6 I . -6.61 -12.14 25.25
C3 PX6 I . -6.38 -12.14 23.72
O5 PX6 I . -5.12 -12.71 23.47
O7 PX6 I . -7.79 -11.41 25.47
C1 MC3 J . 10.22 30.34 4.32
C2 MC3 J . 8.70 30.20 4.04
C3 MC3 J . 8.38 30.17 2.52
O2 MC3 J . 8.31 29.00 4.66
O3 MC3 J . 7.27 30.97 2.09
O1P MC3 J . 11.82 31.63 7.70
O2P MC3 J . 13.04 30.82 5.64
O3P MC3 J . 10.45 30.52 5.69
O4P MC3 J . 11.56 32.84 5.75
P MC3 J . 11.75 31.43 6.20
O1 PX6 K . 25.04 -16.89 5.13
O2 PX6 K . 25.26 -18.53 6.97
P1 PX6 K . 24.58 -18.23 5.64
O3 PX6 K . 23.08 -18.15 5.87
O4 PX6 K . 24.83 -19.44 4.53
C1 PX6 K . 25.97 -19.52 3.71
C2 PX6 K . 25.62 -19.11 2.28
C3 PX6 K . 24.14 -19.28 1.97
O5 PX6 K . 23.48 -18.30 2.72
O7 PX6 K . 25.89 -17.76 2.11
C1 MC3 L . -20.04 10.88 28.63
C2 MC3 L . -19.23 10.09 27.60
C3 MC3 L . -20.03 9.91 26.31
O2 MC3 L . -18.04 10.80 27.33
O3 MC3 L . -20.64 8.64 26.25
O1P MC3 L . -20.12 8.46 31.68
O2P MC3 L . -20.87 7.94 29.40
O3P MC3 L . -19.89 10.33 29.93
O4P MC3 L . -22.19 9.47 30.80
P MC3 L . -20.79 9.03 30.45
O1 PX6 M . -5.84 21.48 21.08
O2 PX6 M . -4.85 23.33 22.42
P1 PX6 M . -5.68 22.98 21.18
O3 PX6 M . -7.06 23.54 21.41
O4 PX6 M . -5.06 23.65 19.75
C1 PX6 M . -4.45 22.87 18.74
C2 PX6 M . -5.31 22.35 17.54
C3 PX6 M . -4.61 21.12 16.86
O5 PX6 M . -5.17 19.79 16.87
O7 PX6 M . -6.63 22.07 17.90
C01 6U8 N . -6.30 3.41 3.53
O02 6U8 N . -6.31 1.98 3.61
C03 6U8 N . -5.26 1.21 3.01
C04 6U8 N . -4.63 1.54 1.80
O05 6U8 N . -4.93 2.67 1.04
C06 6U8 N . -4.30 2.64 -0.24
C07 6U8 N . -3.61 0.70 1.29
C08 6U8 N . -3.18 -0.46 1.92
C09 6U8 N . -2.02 -1.25 1.28
C10 6U8 N . -0.69 -0.41 1.50
N11 6U8 N . 0.55 -0.91 0.86
C12 6U8 N . 0.93 -2.22 1.42
C13 6U8 N . 1.65 0.08 0.91
C14 6U8 N . 2.49 0.14 -0.39
C15 6U8 N . 2.39 -1.13 -1.28
C16 6U8 N . 2.20 -1.12 -2.84
C17 6U8 N . 2.39 -2.60 -3.28
N18 6U8 N . 2.88 -3.43 -2.62
C19 6U8 N . 0.76 -0.77 -3.32
C20 6U8 N . -0.17 0.14 -2.50
C21 6U8 N . -0.05 -1.96 -3.91
C22 6U8 N . 3.24 -0.16 -3.47
C23 6U8 N . 2.82 1.17 -3.58
C24 6U8 N . 3.62 2.15 -4.14
C27 6U8 N . 4.88 1.84 -4.62
C30 6U8 N . 5.33 0.52 -4.53
C31 6U8 N . 4.54 -0.50 -3.96
BR32 6U8 N . 5.40 -2.27 -3.95
C32 6U8 N . -3.78 -0.80 3.11
C33 6U8 N . -4.81 0.02 3.64
CA CA O . 7.74 1.70 10.75
C1 MC3 P . 23.03 -6.45 -2.70
C2 MC3 P . 21.93 -6.90 -3.68
C3 MC3 P . 20.58 -6.60 -3.03
C4 MC3 P . 24.78 -6.60 1.32
C11 MC3 P . 18.34 -5.96 -3.57
C12 MC3 P . 17.71 -5.45 -4.88
C13 MC3 P . 16.30 -4.80 -4.83
C14 MC3 P . 15.43 -5.12 -6.08
C15 MC3 P . 15.05 -3.88 -6.94
C16 MC3 P . 14.76 -4.16 -8.44
C17 MC3 P . 13.62 -3.34 -9.10
C18 MC3 P . 12.85 -4.14 -10.19
C19 MC3 P . 11.32 -3.92 -10.31
O2 MC3 P . 22.06 -6.26 -4.92
O3 MC3 P . 19.57 -6.49 -3.99
O11 MC3 P . 17.65 -6.99 -2.88
O1P MC3 P . 26.35 -7.37 -1.55
O2P MC3 P . 24.78 -9.00 -0.63
O3P MC3 P . 24.00 -7.45 -2.57
O4P MC3 P . 24.36 -6.50 -0.01
P MC3 P . 24.89 -7.59 -1.17
O1 PX6 Q . 26.43 19.18 -2.35
O2 PX6 Q . 25.84 18.49 -0.13
P1 PX6 Q . 25.78 18.05 -1.60
O3 PX6 Q . 26.61 16.80 -1.80
O4 PX6 Q . 24.22 17.78 -2.16
C1 PX6 Q . 23.65 16.46 -2.21
C2 PX6 Q . 22.10 16.42 -2.41
C3 PX6 Q . 21.71 15.91 -3.82
O5 PX6 Q . 22.54 14.83 -4.14
O7 PX6 Q . 21.43 15.53 -1.53
C1 MC3 R . 5.83 -26.90 17.78
C2 MC3 R . 5.72 -25.43 17.49
C3 MC3 R . 5.74 -25.25 15.99
O2 MC3 R . 4.51 -24.95 18.00
O3 MC3 R . 5.30 -23.96 15.68
O1P MC3 R . 7.70 -26.34 20.96
O2P MC3 R . 7.64 -28.65 20.08
O3P MC3 R . 5.98 -26.98 19.17
O4P MC3 R . 8.46 -26.83 18.65
P MC3 R . 7.49 -27.20 19.75
#